data_4FDJ
#
_entry.id   4FDJ
#
_cell.length_a   60.706
_cell.length_b   155.835
_cell.length_c   61.801
_cell.angle_alpha   90.000
_cell.angle_beta   113.430
_cell.angle_gamma   90.000
#
_symmetry.space_group_name_H-M   'P 1 21 1'
#
loop_
_entity.id
_entity.type
_entity.pdbx_description
1 polymer N-acetylgalactosamine-6-sulfatase
2 non-polymer 2-acetamido-2-deoxy-beta-D-glucopyranose
3 non-polymer 'CALCIUM ION'
4 non-polymer 2-acetamido-2-deoxy-beta-D-galactopyranose
5 water water
#
_entity_poly.entity_id   1
_entity_poly.type   'polypeptide(L)'
_entity_poly.pdbx_seq_one_letter_code
;APQPPNILLLLMDDMGWGDLGVYGEPSRETPNLDRMAAEGLLFPNFYSANPL(DDZ)SPSRAALLTGRLPIRNGFYTTNA
HARNAYTPQEIVGGIPDSEQLLPELLKKAGYVSKIVGKWHLGHRPQFHPLKHGFDEWFGSPNCHFGPYDNKARPNIPVYR
DWEMVGRYYEEFPINLKTGEANLTQIYLQEALDFIKRQARHHPFFLYWAVDATHAPVYASKPFLGTSQRGRYGDAVREID
DSIGKILELLQDLHVADNTFVFFTSDNGAALISAPEQGGSNGPFLCGKQTTFEGGMREPALAWWPGHVTAGQVSHQLGSI
MDLFTTSLALAGLTPPSDRAIDGLNLLPTLLQGRLMDRPIFYYRGDTLMAATLGQHKAHFWTWTNSWENFRQGIDFCPGQ
NVSGVTTHNLEDHTKLPLIFHLGRDPGERFPLSFASAEYQEALSRITSVVQQHQEALVPAQPQLNVCNWAVMNWAPPGCE
KLGKCLTPPESIPKKCLWSHHHHHHH
;
_entity_poly.pdbx_strand_id   A,B
#
# COMPACT_ATOMS: atom_id res chain seq x y z
N PRO A 2 3.43 7.65 41.61
CA PRO A 2 4.16 8.89 41.35
C PRO A 2 5.32 8.72 40.34
N GLN A 3 5.91 7.52 40.28
CA GLN A 3 7.00 7.21 39.36
C GLN A 3 6.60 7.40 37.90
N PRO A 4 7.42 8.12 37.12
CA PRO A 4 7.14 8.39 35.71
C PRO A 4 7.27 7.12 34.87
N PRO A 5 6.42 6.97 33.84
CA PRO A 5 6.42 5.78 33.01
C PRO A 5 7.73 5.59 32.26
N ASN A 6 8.10 4.33 32.04
CA ASN A 6 9.25 4.02 31.19
C ASN A 6 8.95 4.40 29.75
N ILE A 7 10.00 4.73 29.02
CA ILE A 7 9.86 5.11 27.63
C ILE A 7 10.78 4.24 26.79
N LEU A 8 10.18 3.52 25.84
CA LEU A 8 10.93 2.67 24.94
C LEU A 8 10.74 3.18 23.50
N LEU A 9 11.83 3.67 22.89
CA LEU A 9 11.76 4.15 21.50
C LEU A 9 12.43 3.19 20.50
N LEU A 10 11.63 2.65 19.59
CA LEU A 10 12.09 1.65 18.62
C LEU A 10 12.32 2.33 17.26
N LEU A 11 13.57 2.65 16.97
CA LEU A 11 13.87 3.36 15.73
C LEU A 11 14.51 2.49 14.68
N MET A 12 13.84 2.37 13.53
CA MET A 12 14.32 1.52 12.45
C MET A 12 15.18 2.30 11.46
N ASP A 13 15.91 1.56 10.65
CA ASP A 13 16.88 2.14 9.73
C ASP A 13 16.49 1.83 8.29
N ASP A 14 16.00 2.84 7.57
CA ASP A 14 15.65 2.71 6.15
C ASP A 14 14.40 1.87 5.86
N MET A 15 13.59 1.60 6.87
CA MET A 15 12.31 0.94 6.63
C MET A 15 11.29 1.96 6.12
N GLY A 16 10.44 1.53 5.20
CA GLY A 16 9.45 2.41 4.56
C GLY A 16 8.02 2.23 5.02
N TRP A 17 7.15 3.10 4.51
CA TRP A 17 5.72 3.14 4.87
C TRP A 17 5.00 1.85 4.54
N GLY A 18 5.54 1.08 3.59
CA GLY A 18 4.90 -0.15 3.13
C GLY A 18 5.51 -1.45 3.59
N ASP A 19 6.43 -1.39 4.56
CA ASP A 19 7.16 -2.58 5.03
C ASP A 19 6.48 -3.35 6.17
N LEU A 20 5.36 -2.82 6.70
CA LEU A 20 4.59 -3.50 7.74
C LEU A 20 3.30 -4.11 7.22
N GLY A 21 2.95 -5.26 7.77
CA GLY A 21 1.78 -6.00 7.34
C GLY A 21 0.56 -5.10 7.43
N VAL A 22 0.31 -4.58 8.63
CA VAL A 22 -0.85 -3.72 8.88
C VAL A 22 -0.87 -2.49 7.95
N TYR A 23 0.32 -2.08 7.50
CA TYR A 23 0.43 -0.98 6.55
C TYR A 23 0.13 -1.36 5.10
N GLY A 24 -0.06 -2.66 4.85
CA GLY A 24 -0.45 -3.15 3.53
C GLY A 24 0.64 -3.85 2.74
N GLU A 25 1.69 -4.29 3.42
CA GLU A 25 2.68 -5.17 2.80
C GLU A 25 2.03 -6.48 2.33
N PRO A 26 2.19 -6.81 1.03
CA PRO A 26 1.56 -8.03 0.47
C PRO A 26 1.85 -9.34 1.20
N SER A 27 3.10 -9.60 1.57
CA SER A 27 3.50 -10.89 2.18
C SER A 27 3.06 -11.06 3.64
N ARG A 28 2.63 -9.97 4.27
CA ARG A 28 2.17 -9.98 5.67
C ARG A 28 3.09 -10.75 6.60
N GLU A 29 4.32 -10.25 6.76
CA GLU A 29 5.35 -10.97 7.53
C GLU A 29 5.76 -10.29 8.85
N THR A 30 4.93 -9.37 9.33
CA THR A 30 5.22 -8.64 10.58
C THR A 30 4.12 -8.81 11.66
N PRO A 31 3.87 -10.07 12.10
CA PRO A 31 2.77 -10.36 13.04
C PRO A 31 2.85 -9.64 14.38
N ASN A 32 4.06 -9.39 14.88
CA ASN A 32 4.25 -8.76 16.19
C ASN A 32 3.95 -7.26 16.20
N LEU A 33 4.47 -6.55 15.21
CA LEU A 33 4.14 -5.15 15.03
C LEU A 33 2.65 -5.00 14.71
N ASP A 34 2.11 -5.98 14.01
CA ASP A 34 0.69 -5.98 13.66
C ASP A 34 -0.15 -6.14 14.92
N ARG A 35 0.36 -6.87 15.90
CA ARG A 35 -0.31 -7.05 17.19
C ARG A 35 -0.11 -5.82 18.09
N MET A 36 0.98 -5.10 17.85
CA MET A 36 1.28 -3.87 18.58
C MET A 36 0.33 -2.78 18.10
N ALA A 37 0.05 -2.76 16.79
CA ALA A 37 -0.93 -1.84 16.24
C ALA A 37 -2.31 -2.16 16.80
N ALA A 38 -2.70 -3.43 16.72
CA ALA A 38 -4.00 -3.86 17.25
C ALA A 38 -4.17 -3.49 18.72
N GLU A 39 -3.06 -3.46 19.45
CA GLU A 39 -3.06 -3.13 20.87
C GLU A 39 -2.77 -1.65 21.15
N GLY A 40 -2.78 -0.83 20.10
CA GLY A 40 -2.43 0.58 20.25
C GLY A 40 -2.99 1.53 19.21
N LEU A 41 -2.12 2.39 18.70
CA LEU A 41 -2.50 3.51 17.84
C LEU A 41 -1.60 3.59 16.63
N LEU A 42 -2.22 3.64 15.45
CA LEU A 42 -1.51 3.67 14.19
C LEU A 42 -1.62 5.03 13.54
N PHE A 43 -0.47 5.57 13.13
CA PHE A 43 -0.38 6.84 12.44
C PHE A 43 -0.12 6.63 10.95
N PRO A 44 -1.10 6.99 10.11
CA PRO A 44 -0.92 6.98 8.65
C PRO A 44 -0.22 8.22 8.05
N ASN A 45 -0.10 9.30 8.82
CA ASN A 45 0.44 10.58 8.35
C ASN A 45 1.58 11.10 9.23
N PHE A 46 2.55 10.20 9.47
CA PHE A 46 3.69 10.51 10.31
C PHE A 46 4.91 10.71 9.43
N TYR A 47 5.81 11.57 9.87
CA TYR A 47 6.97 11.96 9.08
C TYR A 47 8.29 11.91 9.83
N SER A 48 9.36 11.71 9.09
CA SER A 48 10.70 11.88 9.64
C SER A 48 11.08 13.32 9.34
N ALA A 49 12.25 13.73 9.81
CA ALA A 49 12.68 15.12 9.66
C ALA A 49 13.69 15.31 8.50
N ASN A 50 14.23 14.21 7.99
CA ASN A 50 15.12 14.31 6.85
C ASN A 50 15.03 13.10 5.93
N PRO A 51 15.56 13.20 4.69
CA PRO A 51 15.58 12.06 3.80
C PRO A 51 16.64 10.99 4.11
N LEU A 52 17.53 11.24 5.08
CA LEU A 52 18.49 10.21 5.49
C LEU A 52 18.74 10.14 7.02
N SER A 54 21.54 10.35 9.72
CA SER A 54 22.09 11.26 10.73
C SER A 54 21.12 12.39 11.07
N PRO A 55 20.80 13.24 10.08
CA PRO A 55 19.97 14.40 10.36
C PRO A 55 18.64 14.08 11.03
N SER A 56 18.03 12.95 10.67
CA SER A 56 16.78 12.51 11.31
C SER A 56 16.95 12.08 12.78
N ARG A 57 18.01 11.30 13.03
CA ARG A 57 18.34 10.81 14.38
C ARG A 57 18.68 11.95 15.32
N ALA A 58 19.46 12.92 14.82
CA ALA A 58 19.71 14.17 15.55
C ALA A 58 18.39 14.90 15.84
N ALA A 59 17.48 14.88 14.86
CA ALA A 59 16.20 15.58 14.97
C ALA A 59 15.32 14.95 16.03
N LEU A 60 15.31 13.62 16.08
CA LEU A 60 14.57 12.90 17.11
C LEU A 60 15.06 13.32 18.49
N LEU A 61 16.38 13.25 18.68
CA LEU A 61 17.01 13.42 20.00
C LEU A 61 17.07 14.87 20.49
N THR A 62 16.98 15.81 19.56
CA THR A 62 16.99 17.22 19.89
C THR A 62 15.59 17.82 19.84
N GLY A 63 14.69 17.19 19.08
CA GLY A 63 13.35 17.70 18.88
C GLY A 63 13.37 18.92 17.99
N ARG A 64 14.46 19.03 17.22
CA ARG A 64 14.77 20.21 16.44
C ARG A 64 15.21 19.84 15.03
N LEU A 65 14.84 20.67 14.05
CA LEU A 65 15.21 20.43 12.65
C LEU A 65 16.73 20.48 12.43
N PRO A 66 17.26 19.62 11.53
CA PRO A 66 18.69 19.63 11.20
C PRO A 66 19.25 21.02 10.90
N ILE A 67 18.41 21.92 10.35
CA ILE A 67 18.81 23.30 10.09
C ILE A 67 19.10 24.01 11.41
N ARG A 68 18.40 23.58 12.46
CA ARG A 68 18.55 24.15 13.80
C ARG A 68 19.67 23.48 14.57
N ASN A 69 19.73 22.15 14.53
CA ASN A 69 20.71 21.39 15.32
C ASN A 69 22.08 21.23 14.66
N GLY A 70 22.17 21.61 13.39
CA GLY A 70 23.47 21.68 12.71
C GLY A 70 23.76 20.53 11.77
N PHE A 71 22.84 19.58 11.68
CA PHE A 71 23.07 18.37 10.88
C PHE A 71 22.80 18.53 9.39
N TYR A 72 23.55 19.42 8.76
CA TYR A 72 23.40 19.68 7.34
C TYR A 72 24.67 20.27 6.74
N THR A 73 24.73 20.31 5.42
CA THR A 73 25.83 20.96 4.72
C THR A 73 25.39 22.22 3.99
N THR A 74 26.35 23.11 3.76
CA THR A 74 26.14 24.30 2.93
C THR A 74 27.06 24.29 1.71
N ASN A 75 27.76 23.17 1.47
CA ASN A 75 28.74 23.07 0.39
C ASN A 75 28.14 23.36 -0.96
N ALA A 76 26.94 22.84 -1.17
CA ALA A 76 26.09 23.21 -2.30
C ALA A 76 24.65 23.18 -1.78
N HIS A 77 23.72 23.80 -2.51
CA HIS A 77 22.32 23.82 -2.08
C HIS A 77 21.64 22.46 -2.20
N ALA A 78 20.88 22.14 -1.14
CA ALA A 78 19.99 20.98 -1.10
C ALA A 78 20.68 19.61 -1.26
N ARG A 79 21.82 19.47 -0.59
CA ARG A 79 22.59 18.22 -0.63
C ARG A 79 22.34 17.40 0.64
N ASN A 80 22.04 16.13 0.45
CA ASN A 80 21.98 15.18 1.55
C ASN A 80 23.38 14.93 2.08
N ALA A 81 23.54 15.11 3.39
CA ALA A 81 24.80 14.88 4.03
C ALA A 81 24.51 14.10 5.32
N TYR A 82 25.52 13.40 5.81
CA TYR A 82 25.37 12.60 7.03
C TYR A 82 26.71 12.55 7.75
N THR A 83 26.85 11.58 8.66
CA THR A 83 28.05 11.46 9.47
C THR A 83 28.92 10.23 9.11
N PRO A 84 29.65 10.27 7.98
CA PRO A 84 30.55 9.15 7.69
C PRO A 84 31.80 9.20 8.57
N GLN A 85 32.55 8.10 8.63
CA GLN A 85 33.78 8.01 9.42
C GLN A 85 34.70 9.23 9.38
N GLU A 86 34.74 9.93 8.26
CA GLU A 86 35.71 10.99 8.08
C GLU A 86 35.17 12.39 8.48
N ILE A 87 33.91 12.44 8.92
CA ILE A 87 33.30 13.73 9.23
C ILE A 87 33.97 14.33 10.46
N VAL A 88 34.19 15.64 10.43
CA VAL A 88 34.88 16.36 11.53
C VAL A 88 33.89 16.81 12.62
N GLY A 89 32.71 17.26 12.19
CA GLY A 89 31.69 17.74 13.12
C GLY A 89 30.89 16.64 13.78
N GLY A 90 29.71 17.01 14.28
CA GLY A 90 28.83 16.11 15.05
C GLY A 90 27.93 16.92 15.96
N ILE A 91 27.16 16.23 16.79
CA ILE A 91 26.25 16.90 17.73
C ILE A 91 26.98 17.95 18.61
N PRO A 92 26.56 19.22 18.53
CA PRO A 92 27.18 20.28 19.34
C PRO A 92 26.80 20.19 20.82
N ASP A 93 27.70 20.71 21.65
CA ASP A 93 27.49 20.74 23.11
C ASP A 93 26.33 21.62 23.51
N SER A 94 26.07 22.65 22.70
CA SER A 94 24.92 23.52 22.91
C SER A 94 23.58 22.78 22.86
N GLU A 95 23.46 21.76 22.01
CA GLU A 95 22.23 20.95 21.90
C GLU A 95 21.96 20.13 23.18
N GLN A 96 20.72 20.22 23.67
CA GLN A 96 20.25 19.44 24.79
C GLN A 96 19.47 18.22 24.28
N LEU A 97 20.07 17.03 24.41
CA LEU A 97 19.48 15.78 23.96
C LEU A 97 18.52 15.21 24.98
N LEU A 98 17.52 14.46 24.48
CA LEU A 98 16.48 13.84 25.31
C LEU A 98 16.96 13.10 26.59
N PRO A 99 17.97 12.20 26.47
CA PRO A 99 18.45 11.51 27.69
C PRO A 99 19.09 12.44 28.74
N GLU A 100 19.74 13.51 28.29
CA GLU A 100 20.29 14.50 29.23
C GLU A 100 19.16 15.00 30.10
N LEU A 101 18.04 15.34 29.46
CA LEU A 101 16.94 16.03 30.11
C LEU A 101 16.09 15.08 30.96
N LEU A 102 15.87 13.87 30.45
CA LEU A 102 15.15 12.84 31.19
C LEU A 102 15.81 12.54 32.52
N LYS A 103 17.12 12.65 32.55
CA LYS A 103 17.90 12.41 33.74
C LYS A 103 17.47 13.33 34.89
N LYS A 104 16.79 14.42 34.53
CA LYS A 104 16.11 15.33 35.47
C LYS A 104 14.90 14.73 36.19
N ALA A 105 14.32 13.66 35.64
CA ALA A 105 13.18 13.00 36.26
C ALA A 105 13.54 11.62 36.81
N GLY A 106 14.84 11.34 36.90
CA GLY A 106 15.34 10.12 37.52
C GLY A 106 15.53 8.93 36.58
N TYR A 107 15.45 9.17 35.27
CA TYR A 107 15.57 8.10 34.27
C TYR A 107 16.98 7.53 34.15
N VAL A 108 17.06 6.27 33.73
CA VAL A 108 18.33 5.65 33.36
C VAL A 108 18.20 5.22 31.91
N SER A 109 19.09 5.75 31.07
CA SER A 109 18.97 5.65 29.62
C SER A 109 20.06 4.84 28.92
N LYS A 110 19.65 4.02 27.96
CA LYS A 110 20.57 3.18 27.18
C LYS A 110 20.31 3.34 25.70
N ILE A 111 21.37 3.56 24.93
CA ILE A 111 21.26 3.43 23.48
C ILE A 111 21.74 2.03 23.06
N VAL A 112 20.95 1.38 22.21
CA VAL A 112 21.32 0.10 21.62
C VAL A 112 21.37 0.29 20.10
N GLY A 113 22.48 -0.07 19.49
CA GLY A 113 22.62 0.05 18.04
C GLY A 113 23.25 1.34 17.57
N LYS A 114 22.71 1.90 16.49
CA LYS A 114 23.40 2.97 15.74
C LYS A 114 23.20 4.37 16.34
N TRP A 115 24.31 5.10 16.45
CA TRP A 115 24.33 6.44 17.04
C TRP A 115 24.17 7.44 15.92
N HIS A 116 25.22 7.50 15.08
CA HIS A 116 25.26 8.33 13.87
C HIS A 116 25.20 9.84 14.09
N LEU A 117 25.51 10.28 15.30
CA LEU A 117 25.59 11.71 15.62
C LEU A 117 27.02 12.13 15.87
N GLY A 118 27.96 11.34 15.39
CA GLY A 118 29.38 11.68 15.50
C GLY A 118 30.16 10.59 16.21
N HIS A 119 31.34 10.29 15.67
CA HIS A 119 32.15 9.15 16.13
C HIS A 119 33.38 9.59 16.93
N ARG A 120 33.71 10.89 16.85
CA ARG A 120 34.87 11.43 17.56
C ARG A 120 34.59 11.47 19.06
N PRO A 121 35.65 11.46 19.89
CA PRO A 121 35.43 11.32 21.33
C PRO A 121 34.45 12.34 21.94
N GLN A 122 34.47 13.57 21.46
CA GLN A 122 33.59 14.61 22.04
C GLN A 122 32.10 14.34 21.80
N PHE A 123 31.81 13.51 20.78
CA PHE A 123 30.44 13.24 20.33
C PHE A 123 29.86 11.94 20.87
N HIS A 124 30.60 11.30 21.77
CA HIS A 124 30.20 10.02 22.37
C HIS A 124 28.86 10.14 23.08
N PRO A 125 27.94 9.18 22.86
CA PRO A 125 26.60 9.27 23.47
C PRO A 125 26.59 9.32 24.99
N LEU A 126 27.60 8.72 25.63
CA LEU A 126 27.72 8.77 27.08
C LEU A 126 28.20 10.13 27.58
N LYS A 127 28.64 10.99 26.67
CA LYS A 127 28.93 12.38 27.01
C LYS A 127 27.69 13.24 26.77
N HIS A 128 26.65 12.63 26.19
CA HIS A 128 25.46 13.36 25.77
C HIS A 128 24.16 12.77 26.33
N GLY A 129 24.19 12.30 27.57
CA GLY A 129 22.96 11.90 28.25
C GLY A 129 22.79 10.43 28.56
N PHE A 130 23.28 9.57 27.66
CA PHE A 130 23.12 8.12 27.80
C PHE A 130 24.05 7.53 28.86
N ASP A 131 23.53 6.58 29.63
CA ASP A 131 24.29 5.94 30.69
C ASP A 131 25.04 4.72 30.19
N GLU A 132 24.42 3.99 29.27
CA GLU A 132 24.99 2.75 28.73
C GLU A 132 24.90 2.76 27.20
N TRP A 133 25.83 2.06 26.56
CA TRP A 133 25.78 1.90 25.12
C TRP A 133 26.23 0.50 24.71
N PHE A 134 25.49 -0.09 23.78
CA PHE A 134 26.02 -1.16 22.95
C PHE A 134 25.63 -0.95 21.51
N GLY A 135 26.60 -0.58 20.69
CA GLY A 135 26.36 -0.37 19.26
C GLY A 135 27.52 0.34 18.62
N SER A 136 27.35 0.73 17.38
CA SER A 136 28.39 1.45 16.65
C SER A 136 28.02 2.93 16.41
N PRO A 137 29.06 3.80 16.33
CA PRO A 137 28.77 5.18 15.97
C PRO A 137 28.45 5.33 14.47
N ASN A 138 28.68 4.29 13.68
CA ASN A 138 28.54 4.42 12.24
C ASN A 138 27.73 3.31 11.58
N CYS A 139 27.79 3.25 10.25
CA CYS A 139 27.18 2.18 9.48
C CYS A 139 27.89 0.85 9.74
N HIS A 140 27.36 -0.22 9.17
CA HIS A 140 28.03 -1.50 9.19
C HIS A 140 28.54 -1.86 7.79
N PHE A 141 29.02 -0.85 7.07
CA PHE A 141 29.59 -1.08 5.75
C PHE A 141 31.04 -1.58 5.89
N GLY A 142 31.45 -2.43 4.95
CA GLY A 142 32.81 -2.97 4.88
C GLY A 142 32.82 -4.19 3.99
N PRO A 143 33.84 -5.06 4.13
CA PRO A 143 35.00 -4.96 5.02
C PRO A 143 36.14 -4.13 4.46
N TYR A 144 36.68 -3.22 5.27
CA TYR A 144 37.74 -2.32 4.85
C TYR A 144 39.12 -2.93 5.07
N ASP A 145 40.08 -2.49 4.26
CA ASP A 145 41.43 -3.05 4.29
C ASP A 145 42.33 -2.54 5.42
N ASN A 146 41.78 -1.70 6.29
CA ASN A 146 42.51 -1.14 7.44
C ASN A 146 43.78 -0.33 7.10
N LYS A 147 43.91 0.07 5.85
CA LYS A 147 44.94 1.02 5.42
C LYS A 147 44.31 2.27 4.83
N ALA A 148 43.35 2.08 3.92
CA ALA A 148 42.63 3.20 3.30
C ALA A 148 41.51 3.64 4.21
N ARG A 149 40.82 2.67 4.80
CA ARG A 149 39.76 2.90 5.80
C ARG A 149 39.88 1.83 6.89
N PRO A 150 39.57 2.18 8.14
CA PRO A 150 39.54 1.18 9.20
C PRO A 150 38.15 0.58 9.34
N ASN A 151 38.05 -0.63 9.88
CA ASN A 151 36.74 -1.23 10.13
C ASN A 151 35.99 -0.53 11.26
N ILE A 152 34.69 -0.31 11.05
CA ILE A 152 33.85 0.41 11.99
C ILE A 152 33.68 -0.32 13.35
N PRO A 153 34.00 0.38 14.46
CA PRO A 153 34.00 -0.21 15.81
C PRO A 153 32.63 -0.36 16.43
N VAL A 154 32.47 -1.37 17.28
CA VAL A 154 31.27 -1.55 18.09
C VAL A 154 31.66 -1.25 19.53
N TYR A 155 30.88 -0.42 20.21
CA TYR A 155 31.19 -0.05 21.60
C TYR A 155 30.33 -0.77 22.62
N ARG A 156 30.94 -1.09 23.77
CA ARG A 156 30.21 -1.27 25.01
C ARG A 156 30.61 -0.08 25.87
N ASP A 157 29.67 0.85 26.04
CA ASP A 157 29.87 2.05 26.86
C ASP A 157 31.04 2.89 26.33
N TRP A 158 32.02 3.18 27.18
CA TRP A 158 33.09 4.13 26.83
C TRP A 158 34.09 3.62 25.78
N GLU A 159 34.19 2.30 25.64
CA GLU A 159 35.26 1.71 24.86
C GLU A 159 34.81 0.69 23.81
N MET A 160 35.55 0.64 22.71
CA MET A 160 35.31 -0.35 21.67
C MET A 160 35.60 -1.76 22.20
N VAL A 161 34.79 -2.72 21.76
CA VAL A 161 34.97 -4.11 22.15
C VAL A 161 35.30 -4.95 20.92
N GLY A 162 35.27 -4.32 19.75
CA GLY A 162 35.65 -4.97 18.50
C GLY A 162 35.34 -4.11 17.30
N ARG A 163 35.55 -4.66 16.11
CA ARG A 163 35.15 -4.01 14.88
C ARG A 163 34.21 -4.91 14.09
N TYR A 164 33.34 -4.30 13.28
CA TYR A 164 32.57 -5.03 12.28
C TYR A 164 33.54 -5.77 11.35
N TYR A 165 33.11 -6.94 10.86
CA TYR A 165 33.91 -7.79 9.96
C TYR A 165 35.20 -8.32 10.64
N GLU A 166 35.24 -8.19 11.96
CA GLU A 166 36.33 -8.73 12.75
C GLU A 166 35.75 -9.53 13.94
N GLU A 167 35.62 -8.90 15.11
CA GLU A 167 34.96 -9.51 16.27
C GLU A 167 33.46 -9.71 16.06
N PHE A 168 32.89 -8.92 15.16
CA PHE A 168 31.47 -8.94 14.86
C PHE A 168 31.30 -9.18 13.37
N PRO A 169 31.29 -10.48 12.98
CA PRO A 169 31.29 -10.85 11.57
C PRO A 169 29.96 -10.56 10.88
N ILE A 170 30.06 -10.03 9.66
CA ILE A 170 28.94 -9.96 8.75
C ILE A 170 29.38 -10.64 7.47
N ASN A 171 28.70 -11.75 7.14
CA ASN A 171 28.93 -12.48 5.90
C ASN A 171 28.11 -11.86 4.77
N LEU A 172 28.79 -11.31 3.77
CA LEU A 172 28.10 -10.61 2.68
C LEU A 172 27.49 -11.56 1.66
N LYS A 173 28.15 -12.71 1.45
CA LYS A 173 27.68 -13.76 0.54
C LYS A 173 26.33 -14.30 0.99
N THR A 174 26.22 -14.69 2.27
CA THR A 174 25.02 -15.30 2.82
C THR A 174 24.08 -14.31 3.50
N GLY A 175 24.64 -13.23 4.04
CA GLY A 175 23.84 -12.23 4.76
C GLY A 175 23.70 -12.51 6.25
N GLU A 176 24.57 -13.38 6.76
CA GLU A 176 24.52 -13.82 8.14
C GLU A 176 25.25 -12.88 9.09
N ALA A 177 24.60 -12.58 10.22
CA ALA A 177 25.17 -11.79 11.32
C ALA A 177 24.31 -11.94 12.56
N ASN A 178 24.96 -12.13 13.71
CA ASN A 178 24.26 -12.33 14.99
C ASN A 178 23.87 -11.03 15.69
N LEU A 179 24.07 -9.91 15.01
CA LEU A 179 23.92 -8.59 15.63
C LEU A 179 22.53 -8.30 16.21
N THR A 180 21.48 -8.51 15.42
CA THR A 180 20.10 -8.23 15.90
C THR A 180 19.78 -9.03 17.17
N GLN A 181 20.36 -10.22 17.29
CA GLN A 181 20.18 -11.05 18.47
C GLN A 181 20.91 -10.49 19.66
N ILE A 182 22.03 -9.81 19.42
CA ILE A 182 22.76 -9.18 20.51
C ILE A 182 22.02 -7.92 20.94
N TYR A 183 21.59 -7.13 19.95
CA TYR A 183 20.75 -5.97 20.21
C TYR A 183 19.50 -6.32 21.01
N LEU A 184 18.83 -7.41 20.65
CA LEU A 184 17.68 -7.90 21.42
C LEU A 184 18.06 -8.19 22.88
N GLN A 185 19.15 -8.92 23.05
CA GLN A 185 19.65 -9.35 24.36
C GLN A 185 20.06 -8.17 25.25
N GLU A 186 20.68 -7.17 24.64
CA GLU A 186 21.01 -5.92 25.33
C GLU A 186 19.73 -5.24 25.83
N ALA A 187 18.68 -5.28 25.02
CA ALA A 187 17.42 -4.62 25.36
C ALA A 187 16.72 -5.33 26.49
N LEU A 188 16.61 -6.65 26.40
CA LEU A 188 16.00 -7.46 27.44
C LEU A 188 16.71 -7.32 28.79
N ASP A 189 18.03 -7.49 28.77
CA ASP A 189 18.83 -7.39 29.99
C ASP A 189 18.68 -6.01 30.64
N PHE A 190 18.78 -4.95 29.83
CA PHE A 190 18.62 -3.59 30.34
C PHE A 190 17.27 -3.42 31.05
N ILE A 191 16.18 -3.79 30.37
CA ILE A 191 14.82 -3.77 30.93
C ILE A 191 14.71 -4.58 32.24
N LYS A 192 15.43 -5.69 32.31
CA LYS A 192 15.39 -6.55 33.48
C LYS A 192 16.09 -5.94 34.70
N ARG A 193 17.14 -5.16 34.46
CA ARG A 193 17.88 -4.55 35.57
C ARG A 193 17.20 -3.29 36.09
N GLN A 194 16.44 -2.64 35.22
CA GLN A 194 15.86 -1.33 35.56
C GLN A 194 14.46 -1.40 36.15
N ALA A 195 13.70 -2.42 35.76
CA ALA A 195 12.32 -2.59 36.23
C ALA A 195 12.23 -2.66 37.76
N ARG A 196 11.29 -1.88 38.30
CA ARG A 196 11.08 -1.79 39.76
C ARG A 196 12.21 -1.11 40.53
N HIS A 197 13.18 -0.57 39.78
CA HIS A 197 14.27 0.18 40.39
C HIS A 197 14.18 1.66 39.97
N HIS A 198 14.46 1.93 38.70
CA HIS A 198 14.41 3.28 38.16
C HIS A 198 13.48 3.29 36.95
N PRO A 199 12.85 4.45 36.64
CA PRO A 199 12.21 4.56 35.32
C PRO A 199 13.28 4.49 34.24
N PHE A 200 13.02 3.81 33.14
CA PHE A 200 14.04 3.65 32.10
C PHE A 200 13.67 4.21 30.75
N PHE A 201 14.68 4.74 30.07
CA PHE A 201 14.58 5.14 28.68
C PHE A 201 15.51 4.26 27.86
N LEU A 202 14.92 3.54 26.89
CA LEU A 202 15.65 2.70 25.96
C LEU A 202 15.49 3.19 24.52
N TYR A 203 16.59 3.60 23.91
CA TYR A 203 16.65 4.00 22.50
C TYR A 203 17.19 2.81 21.72
N TRP A 204 16.29 2.06 21.09
CA TRP A 204 16.65 0.80 20.42
C TRP A 204 16.75 1.07 18.93
N ALA A 205 17.93 1.52 18.49
CA ALA A 205 18.11 1.94 17.10
C ALA A 205 18.84 0.87 16.29
N VAL A 206 18.12 -0.16 15.87
CA VAL A 206 18.71 -1.26 15.11
C VAL A 206 18.91 -0.88 13.65
N ASP A 207 19.61 -1.72 12.88
CA ASP A 207 19.98 -1.34 11.52
C ASP A 207 20.19 -2.50 10.53
N ALA A 208 19.86 -3.72 10.93
CA ALA A 208 19.91 -4.89 10.02
C ALA A 208 19.29 -4.58 8.65
N THR A 209 18.33 -3.65 8.65
CA THR A 209 17.58 -3.26 7.44
C THR A 209 18.31 -2.21 6.58
N HIS A 210 19.48 -1.77 7.04
CA HIS A 210 20.36 -0.95 6.24
C HIS A 210 21.30 -1.84 5.42
N ALA A 211 21.46 -1.51 4.15
CA ALA A 211 22.38 -2.24 3.29
C ALA A 211 23.81 -2.08 3.83
N PRO A 212 24.61 -3.16 3.83
CA PRO A 212 24.28 -4.52 3.42
C PRO A 212 23.43 -5.25 4.47
N VAL A 213 22.30 -5.79 4.04
CA VAL A 213 21.28 -6.32 4.95
C VAL A 213 21.76 -7.60 5.62
N TYR A 214 21.37 -7.79 6.88
CA TYR A 214 21.73 -9.02 7.60
C TYR A 214 20.67 -9.57 8.53
N ALA A 215 20.77 -10.87 8.76
CA ALA A 215 19.88 -11.58 9.67
C ALA A 215 20.60 -12.79 10.25
N SER A 216 20.21 -13.21 11.45
CA SER A 216 20.78 -14.42 12.05
C SER A 216 20.34 -15.67 11.29
N LYS A 217 21.16 -16.72 11.36
CA LYS A 217 20.91 -17.94 10.59
C LYS A 217 19.46 -18.43 10.57
N PRO A 218 18.77 -18.55 11.73
CA PRO A 218 17.39 -19.08 11.71
C PRO A 218 16.37 -18.25 10.92
N PHE A 219 16.72 -17.01 10.57
CA PHE A 219 15.81 -16.11 9.86
C PHE A 219 16.16 -15.94 8.37
N LEU A 220 17.29 -16.51 7.97
CA LEU A 220 17.74 -16.44 6.59
C LEU A 220 16.85 -17.30 5.71
N GLY A 221 16.44 -16.76 4.57
CA GLY A 221 15.66 -17.50 3.60
C GLY A 221 14.26 -17.88 4.07
N THR A 222 13.74 -17.15 5.04
CA THR A 222 12.39 -17.40 5.55
C THR A 222 11.37 -16.42 4.98
N SER A 223 11.85 -15.30 4.45
CA SER A 223 10.93 -14.29 3.94
C SER A 223 10.69 -14.43 2.44
N GLN A 224 9.51 -13.99 2.00
CA GLN A 224 9.22 -13.96 0.57
C GLN A 224 9.81 -12.70 -0.04
N ARG A 225 10.29 -11.81 0.83
CA ARG A 225 10.87 -10.54 0.40
C ARG A 225 12.37 -10.63 0.22
N GLY A 226 12.91 -11.86 0.19
CA GLY A 226 14.35 -12.07 0.16
C GLY A 226 15.02 -11.56 1.41
N ARG A 227 16.34 -11.36 1.37
CA ARG A 227 17.12 -11.00 2.56
C ARG A 227 16.60 -9.79 3.33
N TYR A 228 16.16 -8.74 2.63
CA TYR A 228 15.69 -7.54 3.32
C TYR A 228 14.53 -7.87 4.25
N GLY A 229 13.66 -8.77 3.80
CA GLY A 229 12.53 -9.23 4.60
C GLY A 229 12.96 -10.11 5.76
N ASP A 230 14.00 -10.93 5.52
CA ASP A 230 14.61 -11.77 6.54
C ASP A 230 14.93 -10.93 7.78
N ALA A 231 15.64 -9.82 7.54
CA ALA A 231 15.92 -8.83 8.57
C ALA A 231 14.64 -8.33 9.24
N VAL A 232 13.69 -7.89 8.41
CA VAL A 232 12.43 -7.31 8.89
C VAL A 232 11.65 -8.30 9.76
N ARG A 233 11.69 -9.58 9.36
CA ARG A 233 11.09 -10.65 10.15
C ARG A 233 11.78 -10.78 11.50
N GLU A 234 13.11 -10.68 11.51
CA GLU A 234 13.87 -10.87 12.75
C GLU A 234 13.62 -9.72 13.70
N ILE A 235 13.74 -8.50 13.19
CA ILE A 235 13.45 -7.31 13.98
C ILE A 235 12.04 -7.41 14.60
N ASP A 236 11.07 -7.87 13.80
CA ASP A 236 9.70 -8.07 14.26
C ASP A 236 9.61 -9.08 15.39
N ASP A 237 10.18 -10.27 15.19
CA ASP A 237 10.25 -11.31 16.21
C ASP A 237 10.89 -10.76 17.48
N SER A 238 11.98 -10.01 17.31
CA SER A 238 12.69 -9.39 18.41
C SER A 238 11.79 -8.42 19.17
N ILE A 239 11.04 -7.60 18.42
CA ILE A 239 10.14 -6.60 19.01
C ILE A 239 9.00 -7.28 19.78
N GLY A 240 8.56 -8.43 19.27
CA GLY A 240 7.57 -9.23 19.97
C GLY A 240 8.06 -9.63 21.36
N LYS A 241 9.31 -10.07 21.42
CA LYS A 241 9.90 -10.59 22.65
C LYS A 241 10.17 -9.48 23.64
N ILE A 242 10.50 -8.30 23.12
CA ILE A 242 10.75 -7.13 23.95
C ILE A 242 9.45 -6.71 24.63
N LEU A 243 8.35 -6.81 23.89
CA LEU A 243 7.02 -6.50 24.39
C LEU A 243 6.51 -7.51 25.42
N GLU A 244 6.77 -8.78 25.15
CA GLU A 244 6.34 -9.86 26.02
C GLU A 244 7.04 -9.77 27.38
N LEU A 245 8.28 -9.31 27.38
CA LEU A 245 9.03 -9.13 28.61
C LEU A 245 8.41 -8.03 29.47
N LEU A 246 7.94 -6.96 28.82
CA LEU A 246 7.27 -5.89 29.55
C LEU A 246 6.02 -6.39 30.27
N GLN A 247 5.30 -7.32 29.65
CA GLN A 247 4.08 -7.88 30.20
C GLN A 247 4.36 -8.92 31.28
N ASP A 248 5.40 -9.72 31.06
CA ASP A 248 5.86 -10.73 32.01
C ASP A 248 6.45 -10.10 33.28
N LEU A 249 6.67 -8.80 33.26
CA LEU A 249 7.16 -8.09 34.44
C LEU A 249 6.11 -7.11 34.95
N HIS A 250 4.94 -7.11 34.32
CA HIS A 250 3.81 -6.28 34.75
C HIS A 250 4.23 -4.82 34.84
N VAL A 251 5.07 -4.42 33.90
CA VAL A 251 5.56 -3.06 33.82
C VAL A 251 5.08 -2.45 32.49
N ALA A 252 4.23 -3.20 31.78
CA ALA A 252 3.72 -2.83 30.47
C ALA A 252 2.73 -1.66 30.55
N ASP A 253 2.00 -1.57 31.65
CA ASP A 253 1.03 -0.50 31.86
C ASP A 253 1.73 0.83 32.16
N ASN A 254 2.97 0.72 32.65
CA ASN A 254 3.81 1.87 32.98
C ASN A 254 4.94 2.06 31.96
N THR A 255 4.77 1.48 30.77
CA THR A 255 5.79 1.60 29.72
C THR A 255 5.14 2.08 28.43
N PHE A 256 5.63 3.22 27.94
CA PHE A 256 5.15 3.77 26.68
C PHE A 256 6.16 3.42 25.60
N VAL A 257 5.70 2.65 24.60
CA VAL A 257 6.58 2.33 23.47
C VAL A 257 6.10 2.94 22.15
N PHE A 258 7.05 3.37 21.34
CA PHE A 258 6.78 3.97 20.03
C PHE A 258 7.71 3.40 19.00
N PHE A 259 7.14 3.03 17.86
CA PHE A 259 7.89 2.45 16.78
C PHE A 259 7.90 3.42 15.59
N THR A 260 9.07 3.63 14.99
CA THR A 260 9.14 4.36 13.71
C THR A 260 10.44 4.12 12.94
N SER A 261 10.67 4.90 11.90
CA SER A 261 11.81 4.68 11.02
C SER A 261 12.45 6.02 10.75
N ASP A 262 13.75 6.03 10.49
CA ASP A 262 14.47 7.30 10.37
C ASP A 262 14.30 8.01 9.02
N ASN A 263 13.97 7.25 7.99
CA ASN A 263 13.68 7.81 6.65
C ASN A 263 12.98 6.75 5.80
N GLY A 264 12.78 7.06 4.52
CA GLY A 264 12.08 6.15 3.62
C GLY A 264 12.92 4.95 3.24
N ALA A 265 12.31 3.99 2.54
CA ALA A 265 13.04 2.82 2.07
C ALA A 265 14.14 3.20 1.09
N ALA A 266 15.26 2.47 1.18
CA ALA A 266 16.41 2.70 0.33
C ALA A 266 16.23 2.04 -1.03
N LEU A 267 15.55 2.74 -1.94
CA LEU A 267 15.19 2.18 -3.25
C LEU A 267 16.35 1.92 -4.21
N ILE A 268 17.55 2.37 -3.88
CA ILE A 268 18.72 1.98 -4.70
C ILE A 268 19.11 0.54 -4.40
N SER A 269 18.65 0.03 -3.25
CA SER A 269 19.01 -1.29 -2.80
C SER A 269 17.93 -2.36 -3.03
N ALA A 270 16.74 -1.92 -3.46
CA ALA A 270 15.66 -2.82 -3.84
C ALA A 270 16.00 -3.55 -5.14
N PRO A 271 15.45 -4.76 -5.36
CA PRO A 271 14.44 -5.46 -4.58
C PRO A 271 14.97 -6.37 -3.45
N GLU A 272 16.26 -6.66 -3.44
CA GLU A 272 16.82 -7.62 -2.50
C GLU A 272 17.20 -7.02 -1.11
N GLN A 273 17.67 -5.78 -1.11
CA GLN A 273 18.28 -5.19 0.07
C GLN A 273 17.57 -3.91 0.50
N GLY A 274 16.41 -3.64 -0.09
CA GLY A 274 15.69 -2.42 0.20
C GLY A 274 14.21 -2.65 0.38
N GLY A 275 13.56 -1.73 1.08
CA GLY A 275 12.14 -1.84 1.41
C GLY A 275 11.13 -1.33 0.41
N SER A 276 9.91 -1.08 0.90
CA SER A 276 8.79 -0.64 0.09
C SER A 276 8.13 0.56 0.71
N ASN A 277 7.84 1.54 -0.13
CA ASN A 277 7.22 2.77 0.31
C ASN A 277 5.73 2.82 -0.03
N GLY A 278 5.20 1.64 -0.35
CA GLY A 278 3.77 1.45 -0.55
C GLY A 278 3.25 2.30 -1.69
N PRO A 279 2.22 3.12 -1.42
CA PRO A 279 1.64 3.92 -2.48
C PRO A 279 2.47 5.14 -2.86
N PHE A 280 3.50 5.48 -2.08
CA PHE A 280 4.19 6.77 -2.24
C PHE A 280 5.34 6.83 -3.25
N LEU A 281 5.68 8.05 -3.64
CA LEU A 281 6.66 8.32 -4.69
C LEU A 281 8.11 8.37 -4.19
N CYS A 282 8.98 7.67 -4.92
CA CYS A 282 10.41 7.57 -4.62
C CYS A 282 10.69 6.98 -3.25
N GLY A 283 11.62 7.60 -2.53
CA GLY A 283 12.16 7.04 -1.31
C GLY A 283 13.30 7.84 -0.70
N LYS A 284 14.10 7.15 0.10
CA LYS A 284 15.27 7.72 0.76
C LYS A 284 16.03 8.63 -0.20
N GLN A 285 16.54 9.75 0.33
CA GLN A 285 17.32 10.78 -0.40
C GLN A 285 16.45 11.92 -0.94
N THR A 286 15.14 11.70 -1.06
CA THR A 286 14.22 12.72 -1.59
C THR A 286 13.25 13.22 -0.53
N THR A 287 12.55 14.30 -0.87
CA THR A 287 11.56 14.87 0.00
C THR A 287 10.13 14.59 -0.49
N PHE A 288 9.99 13.70 -1.47
CA PHE A 288 8.69 13.14 -1.83
C PHE A 288 8.23 12.20 -0.71
N GLU A 289 6.94 11.92 -0.69
CA GLU A 289 6.31 11.23 0.44
C GLU A 289 7.03 9.93 0.85
N GLY A 290 7.48 9.17 -0.13
CA GLY A 290 8.13 7.87 0.10
C GLY A 290 9.51 8.00 0.74
N GLY A 291 10.02 9.23 0.78
CA GLY A 291 11.31 9.53 1.42
C GLY A 291 11.20 9.89 2.88
N MET A 292 10.07 10.47 3.28
CA MET A 292 9.95 10.98 4.64
C MET A 292 8.70 10.59 5.44
N ARG A 293 7.74 9.92 4.79
CA ARG A 293 6.58 9.39 5.53
C ARG A 293 6.95 8.03 6.04
N GLU A 294 6.63 7.76 7.30
CA GLU A 294 7.10 6.53 7.97
C GLU A 294 5.97 5.83 8.69
N PRO A 295 6.16 4.52 9.00
CA PRO A 295 5.24 3.82 9.89
C PRO A 295 5.34 4.46 11.26
N ALA A 296 4.29 4.32 12.07
CA ALA A 296 4.33 4.92 13.39
C ALA A 296 3.28 4.31 14.31
N LEU A 297 3.75 3.46 15.22
CA LEU A 297 2.83 2.82 16.17
C LEU A 297 3.15 3.30 17.57
N ALA A 298 2.10 3.46 18.38
CA ALA A 298 2.25 3.80 19.79
C ALA A 298 1.54 2.76 20.64
N TRP A 299 2.20 2.34 21.71
CA TRP A 299 1.71 1.22 22.51
C TRP A 299 1.90 1.54 23.98
N TRP A 300 0.79 1.60 24.71
CA TRP A 300 0.82 1.88 26.14
C TRP A 300 -0.45 1.34 26.83
N PRO A 301 -0.49 0.02 27.06
CA PRO A 301 -1.65 -0.65 27.64
C PRO A 301 -2.30 0.14 28.78
N GLY A 302 -3.61 0.34 28.69
CA GLY A 302 -4.38 1.04 29.71
C GLY A 302 -4.41 2.56 29.55
N HIS A 303 -3.53 3.09 28.73
CA HIS A 303 -3.46 4.53 28.54
C HIS A 303 -3.82 4.91 27.11
N VAL A 304 -3.13 4.29 26.15
CA VAL A 304 -3.46 4.47 24.74
C VAL A 304 -4.50 3.41 24.35
N THR A 305 -5.68 3.86 23.93
CA THR A 305 -6.78 2.96 23.59
C THR A 305 -6.38 2.04 22.44
N ALA A 306 -6.73 0.76 22.56
CA ALA A 306 -6.25 -0.27 21.64
C ALA A 306 -6.92 -0.20 20.27
N GLY A 307 -6.10 -0.45 19.24
CA GLY A 307 -6.53 -0.57 17.84
C GLY A 307 -7.22 0.65 17.23
N GLN A 308 -6.66 1.83 17.48
CA GLN A 308 -7.23 3.06 16.93
C GLN A 308 -6.38 3.62 15.78
N VAL A 309 -6.94 4.61 15.09
CA VAL A 309 -6.18 5.31 14.05
C VAL A 309 -6.26 6.83 14.24
N SER A 310 -5.11 7.50 14.20
CA SER A 310 -5.09 8.96 14.21
C SER A 310 -4.44 9.55 12.96
N HIS A 311 -5.11 10.52 12.35
CA HIS A 311 -4.57 11.18 11.15
C HIS A 311 -3.83 12.46 11.52
N GLN A 312 -3.46 12.57 12.80
CA GLN A 312 -2.62 13.65 13.31
C GLN A 312 -1.35 13.73 12.47
N LEU A 313 -1.03 14.90 11.95
CA LEU A 313 0.26 15.04 11.25
C LEU A 313 1.37 14.98 12.29
N GLY A 314 2.17 13.92 12.22
CA GLY A 314 3.16 13.62 13.25
C GLY A 314 4.58 13.67 12.76
N SER A 315 5.48 14.14 13.63
CA SER A 315 6.91 14.20 13.30
C SER A 315 7.74 13.40 14.29
N ILE A 316 8.79 12.74 13.77
CA ILE A 316 9.81 12.07 14.59
C ILE A 316 10.32 12.95 15.72
N MET A 317 10.31 14.27 15.49
CA MET A 317 10.74 15.25 16.47
C MET A 317 9.78 15.29 17.66
N ASP A 318 8.54 14.90 17.42
CA ASP A 318 7.50 14.95 18.45
C ASP A 318 7.80 14.04 19.64
N LEU A 319 8.60 13.01 19.40
CA LEU A 319 8.93 12.03 20.44
C LEU A 319 9.88 12.63 21.45
N PHE A 320 10.45 13.78 21.13
CA PHE A 320 11.34 14.46 22.06
C PHE A 320 10.49 15.14 23.11
N THR A 321 9.49 15.88 22.64
CA THR A 321 8.61 16.69 23.48
C THR A 321 7.62 15.81 24.23
N THR A 322 7.14 14.77 23.56
CA THR A 322 6.20 13.85 24.17
C THR A 322 6.86 13.13 25.34
N SER A 323 8.04 12.56 25.11
CA SER A 323 8.75 11.80 26.15
C SER A 323 9.07 12.68 27.34
N LEU A 324 9.31 13.97 27.06
CA LEU A 324 9.50 14.91 28.15
C LEU A 324 8.19 15.10 28.94
N ALA A 325 7.08 15.27 28.21
CA ALA A 325 5.76 15.44 28.80
C ALA A 325 5.31 14.21 29.59
N LEU A 326 5.69 13.03 29.08
CA LEU A 326 5.45 11.77 29.77
C LEU A 326 6.13 11.76 31.14
N ALA A 327 7.33 12.32 31.18
CA ALA A 327 8.15 12.40 32.39
C ALA A 327 7.79 13.60 33.27
N GLY A 328 6.80 14.39 32.86
CA GLY A 328 6.37 15.56 33.61
C GLY A 328 7.34 16.73 33.56
N LEU A 329 8.09 16.81 32.47
CA LEU A 329 9.06 17.88 32.23
C LEU A 329 8.61 18.79 31.11
N THR A 330 9.34 19.88 30.91
CA THR A 330 9.06 20.85 29.86
C THR A 330 10.23 20.93 28.88
N PRO A 331 9.96 21.16 27.59
CA PRO A 331 11.09 21.38 26.66
C PRO A 331 11.89 22.65 26.99
N PRO A 332 13.12 22.77 26.45
CA PRO A 332 13.91 23.98 26.61
C PRO A 332 13.13 25.22 26.18
N SER A 333 13.15 26.26 27.02
CA SER A 333 12.43 27.51 26.75
C SER A 333 13.34 28.59 26.15
N ASP A 334 14.61 28.26 25.98
CA ASP A 334 15.59 29.21 25.46
C ASP A 334 15.91 29.00 23.98
N ARG A 335 15.11 28.15 23.34
CA ARG A 335 15.34 27.81 21.92
C ARG A 335 14.07 27.33 21.25
N ALA A 336 14.09 27.37 19.91
CA ALA A 336 12.98 26.86 19.11
C ALA A 336 12.92 25.33 19.24
N ILE A 337 11.71 24.82 19.46
CA ILE A 337 11.46 23.37 19.58
C ILE A 337 10.39 22.94 18.59
N ASP A 338 10.76 22.11 17.62
CA ASP A 338 9.83 21.71 16.57
C ASP A 338 8.89 20.60 17.02
N GLY A 339 9.42 19.66 17.79
CA GLY A 339 8.61 18.58 18.36
C GLY A 339 7.43 19.09 19.17
N LEU A 340 6.25 18.57 18.87
CA LEU A 340 5.05 18.90 19.65
C LEU A 340 4.72 17.81 20.65
N ASN A 341 4.05 18.19 21.74
CA ASN A 341 3.53 17.23 22.68
C ASN A 341 2.30 16.53 22.12
N LEU A 342 2.42 15.24 21.85
CA LEU A 342 1.31 14.47 21.28
C LEU A 342 0.47 13.71 22.31
N LEU A 343 0.61 14.02 23.59
CA LEU A 343 -0.22 13.34 24.60
C LEU A 343 -1.72 13.55 24.39
N PRO A 344 -2.15 14.78 24.01
CA PRO A 344 -3.57 14.95 23.66
C PRO A 344 -4.05 14.06 22.50
N THR A 345 -3.19 13.81 21.52
CA THR A 345 -3.52 12.86 20.45
C THR A 345 -3.51 11.41 20.97
N LEU A 346 -2.45 11.06 21.68
CA LEU A 346 -2.26 9.71 22.20
C LEU A 346 -3.29 9.28 23.24
N LEU A 347 -3.75 10.21 24.08
CA LEU A 347 -4.57 9.82 25.24
C LEU A 347 -5.99 10.34 25.19
N GLN A 348 -6.27 11.25 24.26
CA GLN A 348 -7.57 11.91 24.21
C GLN A 348 -8.16 11.93 22.79
N GLY A 349 -7.34 11.57 21.82
CA GLY A 349 -7.76 11.52 20.43
C GLY A 349 -8.00 12.89 19.79
N ARG A 350 -7.33 13.92 20.29
CA ARG A 350 -7.48 15.25 19.73
C ARG A 350 -6.61 15.40 18.49
N LEU A 351 -6.89 16.43 17.70
CA LEU A 351 -6.10 16.76 16.53
C LEU A 351 -5.47 18.15 16.68
N MET A 352 -4.42 18.39 15.91
CA MET A 352 -3.64 19.61 16.00
C MET A 352 -3.19 19.98 14.60
N ASP A 353 -3.36 21.25 14.26
CA ASP A 353 -3.14 21.70 12.91
C ASP A 353 -1.71 22.23 12.74
N ARG A 354 -0.76 21.32 12.62
CA ARG A 354 0.65 21.68 12.52
C ARG A 354 1.23 21.49 11.10
N PRO A 355 2.35 22.18 10.79
CA PRO A 355 2.97 21.99 9.49
C PRO A 355 4.05 20.91 9.47
N ILE A 356 4.25 20.26 8.34
CA ILE A 356 5.39 19.39 8.14
C ILE A 356 6.35 20.00 7.11
N PHE A 357 7.54 20.36 7.57
CA PHE A 357 8.56 20.91 6.69
C PHE A 357 9.48 19.81 6.18
N TYR A 358 9.68 19.76 4.87
CA TYR A 358 10.53 18.77 4.24
C TYR A 358 11.78 19.48 3.79
N TYR A 359 12.86 19.30 4.56
CA TYR A 359 14.16 19.87 4.27
C TYR A 359 15.05 18.86 3.54
N ARG A 360 15.80 19.36 2.56
CA ARG A 360 16.93 18.63 1.97
C ARG A 360 18.11 19.57 2.03
N GLY A 361 19.11 19.21 2.82
CA GLY A 361 20.25 20.09 3.08
C GLY A 361 19.79 21.45 3.59
N ASP A 362 20.30 22.51 2.97
CA ASP A 362 20.03 23.87 3.40
C ASP A 362 18.72 24.41 2.87
N THR A 363 17.93 23.54 2.26
CA THR A 363 16.75 23.99 1.53
C THR A 363 15.46 23.36 2.05
N LEU A 364 14.49 24.23 2.36
CA LEU A 364 13.11 23.83 2.60
C LEU A 364 12.52 23.51 1.24
N MET A 365 12.31 22.23 0.99
CA MET A 365 11.88 21.74 -0.30
C MET A 365 10.37 21.80 -0.46
N ALA A 366 9.66 21.47 0.63
CA ALA A 366 8.22 21.24 0.62
C ALA A 366 7.59 21.38 2.00
N ALA A 367 6.29 21.65 2.03
CA ALA A 367 5.54 21.82 3.27
C ALA A 367 4.12 21.31 3.13
N THR A 368 3.61 20.71 4.22
CA THR A 368 2.30 20.10 4.24
C THR A 368 1.48 20.63 5.41
N LEU A 369 0.31 21.18 5.07
CA LEU A 369 -0.72 21.53 6.03
C LEU A 369 -1.99 20.82 5.59
N GLY A 370 -2.66 20.15 6.53
CA GLY A 370 -3.89 19.41 6.23
C GLY A 370 -3.68 18.32 5.19
N GLN A 371 -4.30 18.49 4.03
CA GLN A 371 -4.21 17.50 2.95
C GLN A 371 -3.31 17.96 1.79
N HIS A 372 -2.73 19.13 1.94
CA HIS A 372 -2.01 19.73 0.84
C HIS A 372 -0.52 19.77 1.07
N LYS A 373 0.22 19.44 0.03
CA LYS A 373 1.66 19.54 0.09
C LYS A 373 2.09 20.45 -1.04
N ALA A 374 2.91 21.45 -0.69
CA ALA A 374 3.47 22.35 -1.68
C ALA A 374 4.96 22.08 -1.83
N HIS A 375 5.38 21.79 -3.06
CA HIS A 375 6.80 21.69 -3.40
C HIS A 375 7.33 23.01 -3.93
N PHE A 376 8.24 23.59 -3.14
CA PHE A 376 8.92 24.84 -3.51
C PHE A 376 10.16 24.54 -4.34
N TRP A 377 10.76 23.36 -4.10
CA TRP A 377 11.88 22.88 -4.88
C TRP A 377 11.66 21.39 -5.15
N THR A 378 12.03 20.93 -6.34
CA THR A 378 11.98 19.51 -6.64
C THR A 378 13.33 19.00 -7.15
N TRP A 379 13.65 17.75 -6.81
CA TRP A 379 14.90 17.12 -7.24
C TRP A 379 14.93 15.68 -6.78
N THR A 380 15.30 14.78 -7.69
CA THR A 380 15.63 13.39 -7.32
C THR A 380 17.15 13.23 -7.12
N ASN A 381 17.89 13.10 -8.21
CA ASN A 381 19.34 13.22 -8.20
C ASN A 381 19.80 13.79 -9.53
N SER A 382 21.06 14.21 -9.62
CA SER A 382 21.55 14.85 -10.85
C SER A 382 21.60 13.85 -12.01
N TRP A 383 21.61 14.40 -13.22
CA TRP A 383 21.65 13.59 -14.43
C TRP A 383 22.88 12.67 -14.49
N GLU A 384 24.02 13.16 -14.03
CA GLU A 384 25.25 12.38 -14.01
C GLU A 384 25.14 11.12 -13.15
N ASN A 385 24.53 11.27 -11.97
CA ASN A 385 24.31 10.16 -11.07
C ASN A 385 23.27 9.18 -11.59
N PHE A 386 22.23 9.70 -12.25
CA PHE A 386 21.19 8.86 -12.84
C PHE A 386 21.75 7.99 -13.97
N ARG A 387 22.65 8.56 -14.77
CA ARG A 387 23.25 7.84 -15.90
C ARG A 387 24.21 6.74 -15.45
N GLN A 388 24.76 6.90 -14.24
CA GLN A 388 25.62 5.89 -13.62
C GLN A 388 24.85 4.74 -12.96
N GLY A 389 23.52 4.71 -13.14
CA GLY A 389 22.69 3.62 -12.64
C GLY A 389 22.00 3.85 -11.30
N ILE A 390 22.22 5.02 -10.70
CA ILE A 390 21.59 5.36 -9.44
C ILE A 390 20.22 5.97 -9.69
N ASP A 391 19.18 5.22 -9.34
CA ASP A 391 17.79 5.67 -9.48
C ASP A 391 17.12 5.62 -8.12
N PHE A 392 16.70 6.80 -7.65
CA PHE A 392 15.98 6.92 -6.38
C PHE A 392 14.49 6.58 -6.53
N CYS A 393 13.99 6.62 -7.76
CA CYS A 393 12.57 6.36 -7.99
C CYS A 393 12.34 5.29 -9.06
N PRO A 394 12.88 4.07 -8.84
CA PRO A 394 12.77 3.04 -9.87
C PRO A 394 11.33 2.74 -10.29
N GLY A 395 11.09 2.74 -11.59
CA GLY A 395 9.76 2.45 -12.13
C GLY A 395 8.82 3.62 -12.06
N GLN A 396 9.31 4.76 -11.55
CA GLN A 396 8.49 5.93 -11.33
C GLN A 396 8.98 7.15 -12.11
N ASN A 397 8.06 7.83 -12.78
CA ASN A 397 8.34 9.09 -13.48
C ASN A 397 7.07 9.92 -13.58
N VAL A 398 7.04 11.04 -12.87
CA VAL A 398 5.90 11.97 -12.90
C VAL A 398 6.34 13.26 -13.61
N SER A 399 5.72 13.56 -14.74
CA SER A 399 6.12 14.68 -15.63
C SER A 399 6.31 16.01 -14.92
N GLY A 400 7.53 16.54 -15.01
CA GLY A 400 7.85 17.85 -14.42
C GLY A 400 7.77 17.88 -12.90
N VAL A 401 7.70 16.71 -12.28
CA VAL A 401 7.74 16.58 -10.83
C VAL A 401 9.00 15.83 -10.40
N THR A 402 9.20 14.63 -10.94
CA THR A 402 10.41 13.85 -10.66
C THR A 402 11.50 14.20 -11.65
N THR A 403 12.25 15.26 -11.33
CA THR A 403 13.22 15.85 -12.25
C THR A 403 14.66 15.67 -11.77
N HIS A 404 15.59 15.59 -12.72
CA HIS A 404 17.00 15.39 -12.39
C HIS A 404 17.79 16.69 -12.20
N ASN A 405 17.13 17.82 -12.44
CA ASN A 405 17.63 19.13 -12.06
C ASN A 405 16.96 19.61 -10.79
N LEU A 406 17.69 20.37 -9.97
CA LEU A 406 17.10 21.03 -8.81
C LEU A 406 16.22 22.15 -9.33
N GLU A 407 14.91 21.92 -9.31
CA GLU A 407 13.96 22.81 -9.96
C GLU A 407 13.41 23.83 -8.97
N ASP A 408 13.40 25.11 -9.39
CA ASP A 408 12.94 26.23 -8.57
C ASP A 408 11.44 26.49 -8.75
N HIS A 409 10.65 26.10 -7.75
CA HIS A 409 9.22 26.35 -7.78
C HIS A 409 8.77 27.36 -6.74
N THR A 410 9.72 28.14 -6.20
CA THR A 410 9.42 29.08 -5.12
C THR A 410 8.34 30.10 -5.50
N LYS A 411 8.32 30.55 -6.75
CA LYS A 411 7.32 31.51 -7.20
C LYS A 411 5.95 30.89 -7.45
N LEU A 412 5.94 29.64 -7.93
CA LEU A 412 4.71 28.95 -8.27
C LEU A 412 4.82 27.48 -7.86
N PRO A 413 4.56 27.17 -6.57
CA PRO A 413 4.77 25.84 -6.01
C PRO A 413 3.93 24.75 -6.67
N LEU A 414 4.49 23.54 -6.67
CA LEU A 414 3.75 22.37 -7.11
C LEU A 414 2.97 21.84 -5.91
N ILE A 415 1.64 21.91 -6.01
CA ILE A 415 0.79 21.56 -4.88
C ILE A 415 0.04 20.26 -5.15
N PHE A 416 -0.05 19.41 -4.14
CA PHE A 416 -0.77 18.15 -4.25
C PHE A 416 -1.82 18.05 -3.16
N HIS A 417 -2.89 17.30 -3.44
CA HIS A 417 -3.85 16.88 -2.42
C HIS A 417 -3.59 15.42 -2.03
N LEU A 418 -2.78 15.23 -0.98
CA LEU A 418 -2.31 13.90 -0.53
C LEU A 418 -3.40 12.86 -0.29
N GLY A 419 -4.58 13.31 0.12
CA GLY A 419 -5.70 12.42 0.38
C GLY A 419 -6.20 11.83 -0.91
N ARG A 420 -6.28 12.66 -1.94
CA ARG A 420 -6.77 12.22 -3.25
C ARG A 420 -5.64 11.61 -4.07
N ASP A 421 -4.43 12.10 -3.85
CA ASP A 421 -3.31 11.80 -4.71
C ASP A 421 -2.06 11.46 -3.87
N PRO A 422 -2.13 10.38 -3.07
CA PRO A 422 -1.00 10.10 -2.19
C PRO A 422 0.34 9.93 -2.93
N GLY A 423 0.29 9.44 -4.16
CA GLY A 423 1.50 9.19 -4.94
C GLY A 423 2.06 10.40 -5.68
N GLU A 424 1.56 11.58 -5.33
CA GLU A 424 2.01 12.86 -5.88
C GLU A 424 2.10 12.85 -7.41
N ARG A 425 1.02 12.43 -8.06
CA ARG A 425 1.00 12.24 -9.53
C ARG A 425 0.36 13.39 -10.27
N PHE A 426 -0.58 14.08 -9.62
CA PHE A 426 -1.36 15.12 -10.29
C PHE A 426 -1.29 16.47 -9.56
N PRO A 427 -0.39 17.36 -10.00
CA PRO A 427 -0.34 18.72 -9.48
C PRO A 427 -1.67 19.44 -9.72
N LEU A 428 -2.10 20.20 -8.72
CA LEU A 428 -3.31 21.02 -8.82
C LEU A 428 -3.07 22.11 -9.85
N SER A 429 -4.10 22.46 -10.62
CA SER A 429 -3.97 23.52 -11.60
C SER A 429 -3.73 24.85 -10.89
N PHE A 430 -2.92 25.72 -11.50
CA PHE A 430 -2.50 26.97 -10.88
C PHE A 430 -3.62 27.99 -10.76
N ALA A 431 -4.66 27.83 -11.59
CA ALA A 431 -5.77 28.78 -11.65
C ALA A 431 -6.92 28.41 -10.71
N SER A 432 -6.87 27.20 -10.14
CA SER A 432 -7.94 26.68 -9.27
C SER A 432 -8.01 27.41 -7.93
N ALA A 433 -9.21 27.42 -7.34
CA ALA A 433 -9.41 28.07 -6.05
C ALA A 433 -8.73 27.26 -4.95
N GLU A 434 -8.76 25.94 -5.08
CA GLU A 434 -8.10 25.04 -4.13
C GLU A 434 -6.60 25.29 -4.05
N TYR A 435 -5.98 25.55 -5.20
CA TYR A 435 -4.57 25.88 -5.24
C TYR A 435 -4.29 27.18 -4.48
N GLN A 436 -5.11 28.19 -4.74
CA GLN A 436 -4.94 29.51 -4.16
C GLN A 436 -5.10 29.45 -2.66
N GLU A 437 -6.15 28.77 -2.19
CA GLU A 437 -6.43 28.61 -0.75
C GLU A 437 -5.26 27.96 -0.02
N ALA A 438 -4.76 26.86 -0.57
CA ALA A 438 -3.61 26.14 -0.03
C ALA A 438 -2.34 27.00 -0.05
N LEU A 439 -2.00 27.56 -1.20
CA LEU A 439 -0.78 28.36 -1.37
C LEU A 439 -0.65 29.43 -0.29
N SER A 440 -1.74 30.18 -0.06
CA SER A 440 -1.75 31.21 0.98
C SER A 440 -1.56 30.58 2.36
N ARG A 441 -2.30 29.51 2.64
CA ARG A 441 -2.25 28.85 3.93
C ARG A 441 -0.84 28.36 4.20
N ILE A 442 -0.25 27.66 3.23
CA ILE A 442 1.08 27.08 3.37
C ILE A 442 2.20 28.13 3.37
N THR A 443 2.16 29.10 2.44
CA THR A 443 3.20 30.15 2.44
C THR A 443 3.23 30.93 3.75
N SER A 444 2.04 31.18 4.30
CA SER A 444 1.90 31.85 5.60
C SER A 444 2.76 31.18 6.69
N VAL A 445 2.60 29.87 6.86
CA VAL A 445 3.39 29.12 7.86
C VAL A 445 4.88 29.07 7.51
N VAL A 446 5.18 28.94 6.22
CA VAL A 446 6.57 28.88 5.74
C VAL A 446 7.35 30.17 6.01
N GLN A 447 6.79 31.33 5.65
CA GLN A 447 7.41 32.61 5.93
C GLN A 447 7.64 32.81 7.42
N GLN A 448 6.59 32.56 8.20
CA GLN A 448 6.59 32.65 9.67
C GLN A 448 7.73 31.85 10.26
N HIS A 449 7.82 30.59 9.84
CA HIS A 449 8.93 29.70 10.20
C HIS A 449 10.27 30.32 9.83
N GLN A 450 10.40 30.74 8.57
CA GLN A 450 11.67 31.23 8.02
C GLN A 450 12.16 32.54 8.63
N GLU A 451 11.24 33.44 8.94
CA GLU A 451 11.58 34.73 9.56
C GLU A 451 12.00 34.57 11.02
N ALA A 452 11.47 33.57 11.70
CA ALA A 452 11.85 33.24 13.06
C ALA A 452 13.09 32.33 13.11
N LEU A 453 13.54 31.89 11.93
CA LEU A 453 14.64 30.94 11.81
C LEU A 453 16.00 31.59 11.65
N VAL A 454 16.90 31.25 12.57
CA VAL A 454 18.33 31.56 12.45
C VAL A 454 19.09 30.23 12.33
N PRO A 455 19.48 29.85 11.10
CA PRO A 455 20.10 28.54 10.90
C PRO A 455 21.32 28.39 11.79
N ALA A 456 21.57 27.16 12.24
CA ALA A 456 22.77 26.85 13.00
C ALA A 456 23.94 26.81 12.03
N GLN A 457 25.15 26.93 12.56
CA GLN A 457 26.34 26.68 11.75
C GLN A 457 26.39 25.19 11.41
N PRO A 458 26.65 24.86 10.12
CA PRO A 458 26.63 23.49 9.60
C PRO A 458 27.78 22.62 10.10
N GLN A 459 27.47 21.43 10.60
CA GLN A 459 28.48 20.50 11.12
C GLN A 459 29.02 19.58 10.03
N LEU A 460 28.30 19.46 8.92
CA LEU A 460 28.60 18.44 7.91
C LEU A 460 29.31 19.00 6.67
N ASN A 461 30.22 19.94 6.88
CA ASN A 461 30.90 20.61 5.78
C ASN A 461 32.32 20.14 5.56
N VAL A 462 32.99 19.76 6.64
CA VAL A 462 34.41 19.44 6.62
C VAL A 462 34.63 17.96 6.88
N CYS A 463 35.55 17.37 6.13
CA CYS A 463 35.96 15.98 6.31
C CYS A 463 37.47 15.91 6.43
N ASN A 464 37.97 14.83 7.02
CA ASN A 464 39.39 14.67 7.26
C ASN A 464 39.71 13.20 7.42
N TRP A 465 40.46 12.66 6.45
CA TRP A 465 40.82 11.22 6.46
C TRP A 465 41.34 10.77 7.83
N ALA A 466 42.10 11.65 8.48
CA ALA A 466 42.78 11.33 9.74
C ALA A 466 41.87 11.11 10.97
N VAL A 467 40.59 11.48 10.88
CA VAL A 467 39.69 11.37 12.02
C VAL A 467 38.85 10.10 12.02
N MET A 468 39.03 9.27 10.99
CA MET A 468 38.37 7.97 10.92
C MET A 468 38.78 7.11 12.11
N ASN A 469 37.99 6.08 12.39
CA ASN A 469 38.17 5.23 13.60
C ASN A 469 39.43 4.36 13.60
N TRP A 470 40.59 4.99 13.41
CA TRP A 470 41.86 4.30 13.41
C TRP A 470 42.15 3.71 14.77
N ALA A 471 42.10 4.54 15.81
CA ALA A 471 42.41 4.12 17.18
C ALA A 471 41.36 4.53 18.21
N PRO A 472 40.18 3.86 18.20
CA PRO A 472 39.14 4.14 19.19
C PRO A 472 39.58 3.83 20.63
N PRO A 473 38.97 4.49 21.63
CA PRO A 473 39.29 4.16 23.02
C PRO A 473 39.07 2.68 23.32
N GLY A 474 40.06 2.05 23.93
CA GLY A 474 39.99 0.62 24.22
C GLY A 474 40.78 -0.25 23.27
N CYS A 475 41.24 0.34 22.15
CA CYS A 475 42.00 -0.42 21.15
C CYS A 475 43.33 -0.93 21.67
N GLU A 476 43.96 -0.15 22.54
CA GLU A 476 45.30 -0.48 23.05
C GLU A 476 45.34 -1.83 23.76
N LYS A 477 44.37 -2.07 24.64
CA LYS A 477 44.25 -3.33 25.39
C LYS A 477 43.87 -4.53 24.52
N LEU A 478 43.17 -4.26 23.42
CA LEU A 478 42.83 -5.30 22.45
C LEU A 478 43.92 -5.47 21.40
N GLY A 479 44.82 -4.48 21.32
CA GLY A 479 45.91 -4.47 20.34
C GLY A 479 45.44 -4.20 18.92
N LYS A 480 44.42 -3.35 18.80
CA LYS A 480 43.70 -3.16 17.54
C LYS A 480 43.81 -1.77 16.96
N CYS A 481 44.64 -0.92 17.58
CA CYS A 481 44.89 0.43 17.09
C CYS A 481 45.63 0.37 15.76
N LEU A 482 45.31 1.30 14.87
CA LEU A 482 45.93 1.35 13.56
C LEU A 482 46.62 2.70 13.41
N THR A 483 47.65 2.77 12.56
CA THR A 483 48.30 4.05 12.29
C THR A 483 47.53 4.81 11.21
N PRO A 484 47.14 6.07 11.52
CA PRO A 484 46.35 6.92 10.63
C PRO A 484 47.20 7.53 9.53
N PRO A 485 46.56 7.96 8.43
CA PRO A 485 47.34 8.58 7.37
C PRO A 485 47.60 10.04 7.68
N GLU A 486 48.50 10.66 6.93
CA GLU A 486 48.75 12.10 7.05
C GLU A 486 47.81 12.84 6.14
N SER A 487 46.94 13.66 6.73
CA SER A 487 45.96 14.43 5.95
C SER A 487 45.58 15.76 6.60
N ILE A 488 44.97 16.62 5.79
CA ILE A 488 44.43 17.89 6.27
C ILE A 488 42.90 17.89 6.16
N PRO A 489 42.22 18.72 6.97
CA PRO A 489 40.79 18.90 6.77
C PRO A 489 40.52 19.57 5.42
N LYS A 490 39.49 19.10 4.73
CA LYS A 490 39.04 19.66 3.48
C LYS A 490 37.51 19.59 3.36
N LYS A 491 36.97 20.20 2.32
CA LYS A 491 35.54 20.20 2.07
C LYS A 491 35.09 18.81 1.64
N CYS A 492 34.06 18.28 2.28
CA CYS A 492 33.50 16.97 1.90
C CYS A 492 32.86 17.01 0.50
N LEU A 493 33.11 15.97 -0.28
CA LEU A 493 32.49 15.83 -1.58
C LEU A 493 31.19 15.03 -1.44
N TRP A 494 30.05 15.72 -1.52
CA TRP A 494 28.76 15.10 -1.25
C TRP A 494 28.05 14.59 -2.50
N GLN B 3 -30.53 -27.49 6.00
CA GLN B 3 -30.60 -26.28 5.13
C GLN B 3 -29.20 -25.80 4.75
N PRO B 4 -28.94 -25.65 3.44
CA PRO B 4 -27.66 -25.09 2.96
C PRO B 4 -27.52 -23.61 3.32
N PRO B 5 -26.27 -23.17 3.60
CA PRO B 5 -26.04 -21.78 4.01
C PRO B 5 -26.38 -20.79 2.91
N ASN B 6 -26.85 -19.61 3.30
CA ASN B 6 -27.05 -18.52 2.34
C ASN B 6 -25.70 -18.07 1.80
N ILE B 7 -25.72 -17.56 0.57
CA ILE B 7 -24.51 -17.06 -0.06
C ILE B 7 -24.75 -15.62 -0.49
N LEU B 8 -23.89 -14.72 -0.02
CA LEU B 8 -23.97 -13.32 -0.35
C LEU B 8 -22.67 -12.92 -1.02
N LEU B 9 -22.72 -12.56 -2.30
CA LEU B 9 -21.51 -12.14 -3.04
C LEU B 9 -21.51 -10.64 -3.33
N LEU B 10 -20.57 -9.93 -2.71
CA LEU B 10 -20.45 -8.49 -2.86
C LEU B 10 -19.40 -8.15 -3.91
N LEU B 11 -19.84 -7.78 -5.11
CA LEU B 11 -18.91 -7.53 -6.23
C LEU B 11 -18.83 -6.06 -6.57
N MET B 12 -17.65 -5.48 -6.38
CA MET B 12 -17.41 -4.07 -6.65
C MET B 12 -17.01 -3.83 -8.10
N ASP B 13 -17.08 -2.57 -8.50
CA ASP B 13 -16.84 -2.15 -9.87
C ASP B 13 -15.67 -1.17 -9.92
N ASP B 14 -14.54 -1.62 -10.43
CA ASP B 14 -13.33 -0.79 -10.61
C ASP B 14 -12.61 -0.38 -9.33
N MET B 15 -12.88 -1.08 -8.23
CA MET B 15 -12.14 -0.85 -6.98
C MET B 15 -10.82 -1.62 -7.00
N GLY B 16 -9.77 -1.01 -6.43
CA GLY B 16 -8.44 -1.58 -6.51
C GLY B 16 -7.92 -2.18 -5.23
N TRP B 17 -6.76 -2.83 -5.32
CA TRP B 17 -6.14 -3.51 -4.18
C TRP B 17 -5.87 -2.56 -3.02
N GLY B 18 -5.70 -1.28 -3.35
CA GLY B 18 -5.34 -0.27 -2.35
C GLY B 18 -6.46 0.66 -1.87
N ASP B 19 -7.72 0.29 -2.13
CA ASP B 19 -8.86 1.12 -1.77
C ASP B 19 -9.48 0.84 -0.41
N LEU B 20 -9.02 -0.22 0.26
CA LEU B 20 -9.54 -0.56 1.60
C LEU B 20 -8.56 -0.21 2.69
N GLY B 21 -9.09 0.27 3.81
CA GLY B 21 -8.27 0.65 4.94
C GLY B 21 -7.32 -0.48 5.33
N VAL B 22 -7.89 -1.66 5.59
CA VAL B 22 -7.08 -2.78 6.03
C VAL B 22 -6.01 -3.14 5.01
N TYR B 23 -6.29 -2.83 3.75
CA TYR B 23 -5.35 -3.06 2.65
C TYR B 23 -4.25 -2.02 2.55
N GLY B 24 -4.35 -0.97 3.34
CA GLY B 24 -3.29 0.01 3.43
C GLY B 24 -3.60 1.35 2.80
N GLU B 25 -4.88 1.62 2.54
CA GLU B 25 -5.30 2.96 2.12
C GLU B 25 -4.95 4.00 3.22
N PRO B 26 -4.25 5.08 2.83
CA PRO B 26 -3.82 6.08 3.80
C PRO B 26 -4.93 6.74 4.64
N SER B 27 -6.05 7.12 4.01
CA SER B 27 -7.13 7.84 4.71
C SER B 27 -7.98 6.98 5.64
N ARG B 28 -7.84 5.65 5.53
CA ARG B 28 -8.55 4.70 6.39
C ARG B 28 -10.03 5.00 6.51
N GLU B 29 -10.74 4.94 5.38
CA GLU B 29 -12.16 5.35 5.35
C GLU B 29 -13.13 4.19 5.11
N THR B 30 -12.69 2.95 5.36
CA THR B 30 -13.57 1.78 5.21
C THR B 30 -13.73 0.94 6.48
N PRO B 31 -14.27 1.54 7.56
CA PRO B 31 -14.35 0.85 8.87
C PRO B 31 -15.14 -0.46 8.88
N ASN B 32 -16.16 -0.56 8.04
CA ASN B 32 -17.06 -1.73 7.99
C ASN B 32 -16.44 -2.96 7.33
N LEU B 33 -15.80 -2.75 6.18
CA LEU B 33 -15.02 -3.80 5.53
C LEU B 33 -13.81 -4.18 6.39
N ASP B 34 -13.27 -3.19 7.10
CA ASP B 34 -12.14 -3.42 7.98
C ASP B 34 -12.56 -4.31 9.14
N ARG B 35 -13.81 -4.19 9.58
CA ARG B 35 -14.38 -5.03 10.64
C ARG B 35 -14.76 -6.40 10.11
N MET B 36 -15.09 -6.45 8.82
CA MET B 36 -15.39 -7.70 8.14
C MET B 36 -14.14 -8.56 8.05
N ALA B 37 -13.02 -7.90 7.73
CA ALA B 37 -11.73 -8.57 7.70
C ALA B 37 -11.38 -9.09 9.09
N ALA B 38 -11.46 -8.21 10.09
CA ALA B 38 -11.19 -8.60 11.48
C ALA B 38 -12.04 -9.80 11.94
N GLU B 39 -13.24 -9.92 11.39
CA GLU B 39 -14.15 -11.01 11.72
C GLU B 39 -14.09 -12.18 10.74
N GLY B 40 -13.07 -12.20 9.87
CA GLY B 40 -12.98 -13.21 8.82
C GLY B 40 -11.60 -13.51 8.31
N LEU B 41 -11.49 -13.55 6.98
CA LEU B 41 -10.27 -13.96 6.29
C LEU B 41 -9.93 -13.00 5.18
N LEU B 42 -8.67 -12.58 5.15
CA LEU B 42 -8.20 -11.65 4.12
C LEU B 42 -7.28 -12.35 3.15
N PHE B 43 -7.54 -12.14 1.86
CA PHE B 43 -6.68 -12.64 0.78
C PHE B 43 -5.82 -11.52 0.20
N PRO B 44 -4.49 -11.61 0.37
CA PRO B 44 -3.55 -10.68 -0.27
C PRO B 44 -3.14 -11.04 -1.72
N ASN B 45 -3.47 -12.25 -2.18
CA ASN B 45 -3.06 -12.72 -3.51
C ASN B 45 -4.25 -13.28 -4.29
N PHE B 46 -5.31 -12.48 -4.36
CA PHE B 46 -6.53 -12.84 -5.07
C PHE B 46 -6.61 -12.09 -6.40
N TYR B 47 -7.21 -12.73 -7.40
CA TYR B 47 -7.21 -12.19 -8.74
C TYR B 47 -8.56 -12.23 -9.44
N SER B 48 -8.81 -11.23 -10.28
CA SER B 48 -9.96 -11.26 -11.18
C SER B 48 -9.55 -12.06 -12.41
N ALA B 49 -10.49 -12.30 -13.32
CA ALA B 49 -10.20 -13.10 -14.52
C ALA B 49 -9.92 -12.24 -15.77
N ASN B 50 -10.21 -10.95 -15.69
CA ASN B 50 -9.92 -10.07 -16.83
C ASN B 50 -9.57 -8.66 -16.37
N PRO B 51 -8.97 -7.86 -17.27
CA PRO B 51 -8.68 -6.46 -16.96
C PRO B 51 -9.90 -5.53 -16.94
N LEU B 52 -11.06 -5.98 -17.41
CA LEU B 52 -12.28 -5.16 -17.33
C LEU B 52 -13.55 -5.94 -16.92
N SER B 54 -17.26 -6.79 -18.01
CA SER B 54 -18.01 -7.92 -18.61
C SER B 54 -17.30 -9.26 -18.47
N PRO B 55 -16.13 -9.43 -19.11
CA PRO B 55 -15.43 -10.70 -19.09
C PRO B 55 -15.20 -11.28 -17.69
N SER B 56 -14.95 -10.41 -16.71
CA SER B 56 -14.74 -10.85 -15.33
C SER B 56 -16.02 -11.34 -14.67
N ARG B 57 -17.11 -10.59 -14.89
CA ARG B 57 -18.42 -10.90 -14.33
C ARG B 57 -18.97 -12.21 -14.91
N ALA B 58 -18.79 -12.39 -16.21
CA ALA B 58 -19.08 -13.66 -16.88
C ALA B 58 -18.27 -14.77 -16.22
N ALA B 59 -17.00 -14.47 -15.94
CA ALA B 59 -16.07 -15.45 -15.40
C ALA B 59 -16.48 -15.88 -13.99
N LEU B 60 -16.92 -14.92 -13.19
CA LEU B 60 -17.43 -15.22 -11.84
C LEU B 60 -18.60 -16.18 -11.94
N LEU B 61 -19.58 -15.82 -12.78
CA LEU B 61 -20.85 -16.53 -12.85
C LEU B 61 -20.79 -17.88 -13.57
N THR B 62 -19.79 -18.05 -14.42
CA THR B 62 -19.57 -19.31 -15.13
C THR B 62 -18.48 -20.16 -14.47
N GLY B 63 -17.58 -19.52 -13.72
CA GLY B 63 -16.44 -20.22 -13.17
C GLY B 63 -15.45 -20.58 -14.25
N ARG B 64 -15.55 -19.87 -15.37
CA ARG B 64 -14.80 -20.18 -16.58
C ARG B 64 -14.17 -18.94 -17.17
N LEU B 65 -12.99 -19.12 -17.77
CA LEU B 65 -12.26 -18.01 -18.41
C LEU B 65 -13.02 -17.45 -19.60
N PRO B 66 -12.95 -16.12 -19.82
CA PRO B 66 -13.62 -15.49 -20.96
C PRO B 66 -13.29 -16.14 -22.31
N ILE B 67 -12.10 -16.76 -22.41
CA ILE B 67 -11.74 -17.55 -23.60
C ILE B 67 -12.68 -18.77 -23.74
N ARG B 68 -13.11 -19.30 -22.59
CA ARG B 68 -14.01 -20.45 -22.55
C ARG B 68 -15.47 -20.04 -22.66
N ASN B 69 -15.88 -19.01 -21.93
CA ASN B 69 -17.28 -18.58 -21.91
C ASN B 69 -17.71 -17.65 -23.06
N GLY B 70 -16.73 -17.17 -23.82
CA GLY B 70 -17.00 -16.44 -25.05
C GLY B 70 -16.85 -14.93 -24.94
N PHE B 71 -16.53 -14.45 -23.73
CA PHE B 71 -16.49 -13.01 -23.48
C PHE B 71 -15.20 -12.31 -23.90
N TYR B 72 -14.90 -12.38 -25.20
CA TYR B 72 -13.71 -11.78 -25.76
C TYR B 72 -13.92 -11.46 -27.23
N THR B 73 -12.98 -10.70 -27.79
CA THR B 73 -12.95 -10.43 -29.23
C THR B 73 -11.77 -11.11 -29.92
N THR B 74 -11.91 -11.33 -31.23
CA THR B 74 -10.81 -11.79 -32.06
C THR B 74 -10.52 -10.77 -33.16
N ASN B 75 -11.12 -9.58 -33.07
CA ASN B 75 -10.98 -8.56 -34.12
C ASN B 75 -9.52 -8.19 -34.41
N ALA B 76 -8.77 -8.06 -33.32
CA ALA B 76 -7.33 -7.90 -33.34
C ALA B 76 -6.83 -8.63 -32.09
N HIS B 77 -5.54 -8.94 -32.04
CA HIS B 77 -4.99 -9.65 -30.89
C HIS B 77 -4.91 -8.79 -29.62
N ALA B 78 -5.30 -9.42 -28.50
CA ALA B 78 -5.13 -8.89 -27.16
C ALA B 78 -5.87 -7.59 -26.93
N ARG B 79 -7.09 -7.50 -27.41
CA ARG B 79 -7.92 -6.30 -27.24
C ARG B 79 -8.94 -6.50 -26.12
N ASN B 80 -9.00 -5.53 -25.22
CA ASN B 80 -10.05 -5.48 -24.21
C ASN B 80 -11.39 -5.15 -24.87
N ALA B 81 -12.38 -6.00 -24.60
CA ALA B 81 -13.70 -5.83 -25.13
C ALA B 81 -14.69 -6.12 -24.01
N TYR B 82 -15.89 -5.55 -24.13
CA TYR B 82 -16.92 -5.71 -23.11
C TYR B 82 -18.29 -5.67 -23.79
N THR B 83 -19.34 -5.40 -23.02
CA THR B 83 -20.70 -5.43 -23.53
C THR B 83 -21.35 -4.03 -23.55
N PRO B 84 -20.99 -3.18 -24.54
CA PRO B 84 -21.66 -1.88 -24.63
C PRO B 84 -23.06 -2.05 -25.24
N GLN B 85 -23.89 -1.03 -25.10
CA GLN B 85 -25.27 -1.05 -25.62
C GLN B 85 -25.45 -1.65 -27.02
N GLU B 86 -24.45 -1.48 -27.88
CA GLU B 86 -24.58 -1.87 -29.27
C GLU B 86 -24.10 -3.30 -29.57
N ILE B 87 -23.60 -4.00 -28.53
CA ILE B 87 -23.06 -5.34 -28.73
C ILE B 87 -24.20 -6.30 -29.12
N VAL B 88 -23.92 -7.20 -30.05
CA VAL B 88 -24.89 -8.17 -30.56
C VAL B 88 -24.94 -9.44 -29.71
N GLY B 89 -23.77 -9.91 -29.30
CA GLY B 89 -23.62 -11.14 -28.53
C GLY B 89 -23.95 -10.96 -27.05
N GLY B 90 -23.50 -11.93 -26.25
CA GLY B 90 -23.75 -11.95 -24.81
C GLY B 90 -23.65 -13.37 -24.31
N ILE B 91 -24.00 -13.60 -23.03
CA ILE B 91 -23.86 -14.91 -22.40
C ILE B 91 -24.62 -16.01 -23.17
N PRO B 92 -23.90 -17.04 -23.64
CA PRO B 92 -24.54 -18.10 -24.43
C PRO B 92 -25.41 -19.04 -23.60
N ASP B 93 -26.42 -19.62 -24.25
CA ASP B 93 -27.33 -20.53 -23.57
C ASP B 93 -26.63 -21.80 -23.12
N SER B 94 -25.56 -22.17 -23.82
CA SER B 94 -24.74 -23.31 -23.45
C SER B 94 -24.09 -23.16 -22.07
N GLU B 95 -23.76 -21.92 -21.69
CA GLU B 95 -23.14 -21.65 -20.38
C GLU B 95 -24.14 -21.88 -19.25
N GLN B 96 -23.68 -22.59 -18.22
CA GLN B 96 -24.46 -22.80 -16.99
C GLN B 96 -23.99 -21.84 -15.90
N LEU B 97 -24.83 -20.87 -15.57
CA LEU B 97 -24.52 -19.85 -14.57
C LEU B 97 -24.85 -20.33 -13.15
N LEU B 98 -24.11 -19.80 -12.19
CA LEU B 98 -24.24 -20.15 -10.76
C LEU B 98 -25.70 -20.21 -10.23
N PRO B 99 -26.49 -19.13 -10.40
CA PRO B 99 -27.87 -19.20 -9.91
C PRO B 99 -28.73 -20.30 -10.56
N GLU B 100 -28.47 -20.64 -11.83
CA GLU B 100 -29.18 -21.75 -12.50
C GLU B 100 -28.97 -23.01 -11.68
N LEU B 101 -27.72 -23.24 -11.31
CA LEU B 101 -27.32 -24.49 -10.66
C LEU B 101 -27.72 -24.53 -9.18
N LEU B 102 -27.62 -23.38 -8.50
CA LEU B 102 -28.00 -23.27 -7.08
C LEU B 102 -29.46 -23.60 -6.86
N LYS B 103 -30.26 -23.25 -7.85
CA LYS B 103 -31.67 -23.57 -7.92
C LYS B 103 -31.92 -25.07 -7.66
N LYS B 104 -30.94 -25.91 -8.00
CA LYS B 104 -30.95 -27.35 -7.70
C LYS B 104 -30.95 -27.69 -6.20
N ALA B 105 -30.47 -26.76 -5.37
CA ALA B 105 -30.39 -26.98 -3.92
C ALA B 105 -31.43 -26.15 -3.15
N GLY B 106 -32.38 -25.57 -3.90
CA GLY B 106 -33.51 -24.86 -3.31
C GLY B 106 -33.32 -23.38 -3.09
N TYR B 107 -32.26 -22.82 -3.66
CA TYR B 107 -31.94 -21.40 -3.46
C TYR B 107 -32.92 -20.48 -4.18
N VAL B 108 -33.05 -19.26 -3.66
CA VAL B 108 -33.75 -18.18 -4.33
C VAL B 108 -32.74 -17.05 -4.54
N SER B 109 -32.52 -16.68 -5.80
CA SER B 109 -31.43 -15.78 -6.17
C SER B 109 -31.85 -14.42 -6.72
N LYS B 110 -31.14 -13.37 -6.30
CA LYS B 110 -31.39 -12.01 -6.75
C LYS B 110 -30.12 -11.33 -7.21
N ILE B 111 -30.14 -10.72 -8.38
CA ILE B 111 -29.08 -9.79 -8.77
C ILE B 111 -29.50 -8.33 -8.46
N VAL B 112 -28.61 -7.60 -7.80
CA VAL B 112 -28.80 -6.19 -7.52
C VAL B 112 -27.69 -5.43 -8.21
N GLY B 113 -28.04 -4.48 -9.06
CA GLY B 113 -27.05 -3.66 -9.74
C GLY B 113 -26.68 -4.16 -11.12
N LYS B 114 -25.40 -4.06 -11.46
CA LYS B 114 -24.95 -4.22 -12.84
C LYS B 114 -24.83 -5.68 -13.32
N TRP B 115 -25.43 -5.94 -14.48
CA TRP B 115 -25.45 -7.27 -15.09
C TRP B 115 -24.21 -7.40 -15.97
N HIS B 116 -24.21 -6.65 -17.07
CA HIS B 116 -23.10 -6.56 -18.02
C HIS B 116 -22.76 -7.84 -18.79
N LEU B 117 -23.70 -8.78 -18.83
CA LEU B 117 -23.53 -10.00 -19.62
C LEU B 117 -24.47 -10.05 -20.82
N GLY B 118 -24.97 -8.88 -21.23
CA GLY B 118 -25.82 -8.77 -22.40
C GLY B 118 -27.13 -8.11 -22.05
N HIS B 119 -27.56 -7.18 -22.91
CA HIS B 119 -28.75 -6.35 -22.67
C HIS B 119 -29.94 -6.76 -23.54
N ARG B 120 -29.69 -7.61 -24.53
CA ARG B 120 -30.74 -8.05 -25.43
C ARG B 120 -31.64 -9.05 -24.72
N PRO B 121 -32.91 -9.19 -25.16
CA PRO B 121 -33.86 -10.01 -24.40
C PRO B 121 -33.38 -11.42 -24.07
N GLN B 122 -32.68 -12.09 -25.00
CA GLN B 122 -32.24 -13.46 -24.76
C GLN B 122 -31.20 -13.57 -23.62
N PHE B 123 -30.55 -12.45 -23.29
CA PHE B 123 -29.47 -12.43 -22.30
C PHE B 123 -29.92 -11.96 -20.91
N HIS B 124 -31.22 -11.78 -20.75
CA HIS B 124 -31.79 -11.28 -19.49
C HIS B 124 -31.42 -12.21 -18.33
N PRO B 125 -31.00 -11.64 -17.18
CA PRO B 125 -30.57 -12.48 -16.05
C PRO B 125 -31.66 -13.41 -15.48
N LEU B 126 -32.92 -13.01 -15.61
CA LEU B 126 -34.03 -13.87 -15.23
C LEU B 126 -34.26 -15.04 -16.20
N LYS B 127 -33.60 -15.01 -17.35
CA LYS B 127 -33.60 -16.13 -18.28
C LYS B 127 -32.39 -17.01 -18.00
N HIS B 128 -31.52 -16.54 -17.11
CA HIS B 128 -30.28 -17.21 -16.81
C HIS B 128 -30.06 -17.53 -15.32
N GLY B 129 -31.13 -17.92 -14.62
CA GLY B 129 -30.99 -18.41 -13.24
C GLY B 129 -31.56 -17.53 -12.13
N PHE B 130 -31.45 -16.22 -12.28
CA PHE B 130 -31.90 -15.28 -11.26
C PHE B 130 -33.42 -15.16 -11.21
N ASP B 131 -33.96 -15.08 -9.99
CA ASP B 131 -35.39 -14.97 -9.77
C ASP B 131 -35.87 -13.53 -9.79
N GLU B 132 -35.04 -12.64 -9.25
CA GLU B 132 -35.38 -11.21 -9.13
C GLU B 132 -34.22 -10.34 -9.61
N TRP B 133 -34.55 -9.14 -10.08
CA TRP B 133 -33.52 -8.20 -10.50
C TRP B 133 -33.95 -6.79 -10.16
N PHE B 134 -32.99 -6.01 -9.67
CA PHE B 134 -33.06 -4.56 -9.70
C PHE B 134 -31.71 -3.99 -10.06
N GLY B 135 -31.61 -3.44 -11.27
CA GLY B 135 -30.39 -2.82 -11.74
C GLY B 135 -30.42 -2.65 -13.23
N SER B 136 -29.27 -2.29 -13.80
CA SER B 136 -29.16 -2.08 -15.23
C SER B 136 -28.31 -3.15 -15.93
N PRO B 137 -28.62 -3.43 -17.22
CA PRO B 137 -27.77 -4.36 -17.93
C PRO B 137 -26.46 -3.70 -18.36
N ASN B 138 -26.36 -2.37 -18.24
CA ASN B 138 -25.18 -1.66 -18.71
C ASN B 138 -24.52 -0.73 -17.69
N CYS B 139 -23.61 0.11 -18.18
CA CYS B 139 -23.01 1.20 -17.42
C CYS B 139 -24.05 2.26 -17.06
N HIS B 140 -23.65 3.22 -16.25
CA HIS B 140 -24.48 4.38 -15.96
C HIS B 140 -23.92 5.62 -16.63
N PHE B 141 -23.33 5.45 -17.82
CA PHE B 141 -22.82 6.59 -18.57
C PHE B 141 -23.98 7.35 -19.23
N GLY B 142 -23.79 8.65 -19.40
CA GLY B 142 -24.77 9.52 -20.06
C GLY B 142 -24.52 10.95 -19.66
N PRO B 143 -25.51 11.83 -19.88
CA PRO B 143 -26.84 11.60 -20.45
C PRO B 143 -26.88 11.65 -21.98
N TYR B 144 -27.55 10.67 -22.59
CA TYR B 144 -27.62 10.59 -24.04
C TYR B 144 -28.82 11.33 -24.59
N ASP B 145 -28.70 11.79 -25.83
CA ASP B 145 -29.72 12.62 -26.48
C ASP B 145 -30.93 11.84 -27.02
N ASN B 146 -30.95 10.53 -26.81
CA ASN B 146 -32.06 9.67 -27.25
C ASN B 146 -32.36 9.65 -28.76
N LYS B 147 -31.42 10.15 -29.56
CA LYS B 147 -31.46 10.00 -31.01
C LYS B 147 -30.25 9.20 -31.50
N ALA B 148 -29.06 9.58 -31.03
CA ALA B 148 -27.82 8.89 -31.40
C ALA B 148 -27.63 7.68 -30.50
N ARG B 149 -27.95 7.85 -29.22
CA ARG B 149 -27.94 6.77 -28.25
C ARG B 149 -29.11 6.98 -27.30
N PRO B 150 -29.71 5.87 -26.81
CA PRO B 150 -30.75 6.00 -25.81
C PRO B 150 -30.19 5.91 -24.40
N ASN B 151 -30.88 6.49 -23.43
CA ASN B 151 -30.45 6.37 -22.03
C ASN B 151 -30.60 4.93 -21.51
N ILE B 152 -29.59 4.50 -20.75
CA ILE B 152 -29.51 3.15 -20.22
C ILE B 152 -30.63 2.85 -19.20
N PRO B 153 -31.42 1.78 -19.44
CA PRO B 153 -32.57 1.43 -18.61
C PRO B 153 -32.21 0.72 -17.31
N VAL B 154 -33.02 0.95 -16.27
CA VAL B 154 -32.93 0.23 -15.01
C VAL B 154 -34.13 -0.72 -14.93
N TYR B 155 -33.88 -1.99 -14.60
CA TYR B 155 -34.96 -2.98 -14.54
C TYR B 155 -35.38 -3.29 -13.11
N ARG B 156 -36.68 -3.53 -12.95
CA ARG B 156 -37.17 -4.38 -11.88
C ARG B 156 -37.66 -5.65 -12.56
N ASP B 157 -36.92 -6.74 -12.38
CA ASP B 157 -37.29 -8.05 -12.91
C ASP B 157 -37.39 -8.01 -14.44
N TRP B 158 -38.51 -8.42 -15.00
CA TRP B 158 -38.63 -8.59 -16.46
C TRP B 158 -38.62 -7.28 -17.25
N GLU B 159 -38.98 -6.18 -16.59
CA GLU B 159 -39.28 -4.94 -17.31
C GLU B 159 -38.54 -3.72 -16.79
N MET B 160 -38.23 -2.80 -17.70
CA MET B 160 -37.65 -1.50 -17.33
C MET B 160 -38.65 -0.66 -16.53
N VAL B 161 -38.14 0.04 -15.53
CA VAL B 161 -38.96 0.91 -14.68
C VAL B 161 -38.54 2.37 -14.86
N GLY B 162 -37.50 2.57 -15.66
CA GLY B 162 -37.00 3.90 -16.01
C GLY B 162 -35.65 3.86 -16.70
N ARG B 163 -35.09 5.03 -16.98
CA ARG B 163 -33.76 5.15 -17.54
C ARG B 163 -32.87 5.98 -16.61
N TYR B 164 -31.56 5.72 -16.62
CA TYR B 164 -30.61 6.63 -16.00
C TYR B 164 -30.80 8.03 -16.60
N TYR B 165 -30.54 9.05 -15.79
CA TYR B 165 -30.63 10.48 -16.20
C TYR B 165 -32.06 10.87 -16.58
N GLU B 166 -33.01 10.02 -16.20
CA GLU B 166 -34.43 10.31 -16.36
C GLU B 166 -35.17 10.01 -15.06
N GLU B 167 -35.70 8.80 -14.91
CA GLU B 167 -36.35 8.36 -13.66
C GLU B 167 -35.34 8.16 -12.54
N PHE B 168 -34.08 7.96 -12.93
CA PHE B 168 -32.99 7.69 -12.00
C PHE B 168 -31.89 8.70 -12.26
N PRO B 169 -32.01 9.88 -11.62
CA PRO B 169 -31.10 11.00 -11.90
C PRO B 169 -29.70 10.76 -11.37
N ILE B 170 -28.72 11.10 -12.20
CA ILE B 170 -27.33 11.25 -11.77
C ILE B 170 -26.89 12.67 -12.17
N ASN B 171 -26.54 13.45 -11.15
CA ASN B 171 -26.05 14.81 -11.34
C ASN B 171 -24.53 14.79 -11.50
N LEU B 172 -24.08 15.19 -12.69
CA LEU B 172 -22.65 15.08 -13.03
C LEU B 172 -21.82 16.19 -12.40
N LYS B 173 -22.44 17.36 -12.25
CA LYS B 173 -21.81 18.52 -11.63
C LYS B 173 -21.45 18.20 -10.19
N THR B 174 -22.44 17.75 -9.41
CA THR B 174 -22.27 17.50 -7.98
C THR B 174 -21.86 16.06 -7.64
N GLY B 175 -22.28 15.11 -8.47
CA GLY B 175 -22.00 13.69 -8.23
C GLY B 175 -23.08 12.99 -7.43
N GLU B 176 -24.25 13.62 -7.35
CA GLU B 176 -25.34 13.10 -6.54
C GLU B 176 -26.19 12.07 -7.28
N ALA B 177 -26.49 10.98 -6.59
CA ALA B 177 -27.43 9.94 -7.05
C ALA B 177 -27.86 9.05 -5.88
N ASN B 178 -29.15 8.72 -5.82
CA ASN B 178 -29.69 7.89 -4.74
C ASN B 178 -29.51 6.39 -4.96
N LEU B 179 -28.84 6.02 -6.04
CA LEU B 179 -28.80 4.63 -6.46
C LEU B 179 -28.24 3.64 -5.43
N THR B 180 -27.09 3.93 -4.82
CA THR B 180 -26.50 3.01 -3.82
C THR B 180 -27.44 2.76 -2.64
N GLN B 181 -28.28 3.74 -2.33
CA GLN B 181 -29.26 3.61 -1.27
C GLN B 181 -30.40 2.71 -1.71
N ILE B 182 -30.70 2.72 -3.00
CA ILE B 182 -31.76 1.85 -3.49
C ILE B 182 -31.21 0.43 -3.54
N TYR B 183 -29.98 0.29 -4.02
CA TYR B 183 -29.29 -0.99 -4.03
C TYR B 183 -29.20 -1.60 -2.64
N LEU B 184 -28.87 -0.78 -1.65
CA LEU B 184 -28.89 -1.22 -0.26
C LEU B 184 -30.27 -1.75 0.15
N GLN B 185 -31.29 -0.95 -0.13
CA GLN B 185 -32.68 -1.26 0.25
C GLN B 185 -33.19 -2.54 -0.41
N GLU B 186 -32.82 -2.74 -1.67
CA GLU B 186 -33.14 -3.98 -2.39
C GLU B 186 -32.50 -5.19 -1.70
N ALA B 187 -31.27 -5.02 -1.22
CA ALA B 187 -30.53 -6.09 -0.56
C ALA B 187 -31.17 -6.45 0.78
N LEU B 188 -31.44 -5.43 1.60
CA LEU B 188 -32.04 -5.64 2.90
C LEU B 188 -33.40 -6.33 2.80
N ASP B 189 -34.28 -5.77 1.97
CA ASP B 189 -35.62 -6.30 1.77
C ASP B 189 -35.55 -7.76 1.30
N PHE B 190 -34.72 -8.03 0.29
CA PHE B 190 -34.57 -9.40 -0.21
C PHE B 190 -34.22 -10.37 0.93
N ILE B 191 -33.15 -10.04 1.67
CA ILE B 191 -32.70 -10.81 2.84
C ILE B 191 -33.83 -11.00 3.86
N LYS B 192 -34.66 -9.99 4.03
CA LYS B 192 -35.74 -10.05 5.03
C LYS B 192 -36.85 -11.01 4.62
N ARG B 193 -37.13 -11.10 3.32
CA ARG B 193 -38.19 -11.98 2.82
C ARG B 193 -37.74 -13.43 2.76
N GLN B 194 -36.43 -13.66 2.60
CA GLN B 194 -35.93 -15.00 2.35
C GLN B 194 -35.51 -15.74 3.61
N ALA B 195 -35.09 -14.99 4.63
CA ALA B 195 -34.63 -15.57 5.90
C ALA B 195 -35.69 -16.46 6.56
N ARG B 196 -35.25 -17.65 6.97
CA ARG B 196 -36.12 -18.65 7.60
C ARG B 196 -37.16 -19.26 6.65
N HIS B 197 -37.08 -18.93 5.38
CA HIS B 197 -37.97 -19.51 4.38
C HIS B 197 -37.17 -20.38 3.42
N HIS B 198 -36.33 -19.76 2.61
CA HIS B 198 -35.48 -20.47 1.66
C HIS B 198 -34.03 -20.04 1.86
N PRO B 199 -33.07 -20.91 1.52
CA PRO B 199 -31.70 -20.42 1.43
C PRO B 199 -31.60 -19.40 0.30
N PHE B 200 -30.86 -18.30 0.51
CA PHE B 200 -30.79 -17.27 -0.52
C PHE B 200 -29.40 -17.05 -1.12
N PHE B 201 -29.40 -16.67 -2.39
CA PHE B 201 -28.20 -16.21 -3.07
C PHE B 201 -28.41 -14.77 -3.52
N LEU B 202 -27.57 -13.87 -3.00
CA LEU B 202 -27.62 -12.46 -3.38
C LEU B 202 -26.33 -12.04 -4.09
N TYR B 203 -26.48 -11.63 -5.34
CA TYR B 203 -25.39 -11.08 -6.14
C TYR B 203 -25.54 -9.56 -6.10
N TRP B 204 -24.76 -8.92 -5.24
CA TRP B 204 -24.85 -7.47 -5.00
C TRP B 204 -23.74 -6.78 -5.76
N ALA B 205 -24.02 -6.45 -7.01
CA ALA B 205 -23.01 -5.91 -7.91
C ALA B 205 -23.20 -4.41 -8.13
N VAL B 206 -22.76 -3.62 -7.14
CA VAL B 206 -22.92 -2.16 -7.19
C VAL B 206 -21.85 -1.53 -8.08
N ASP B 207 -22.01 -0.24 -8.38
CA ASP B 207 -21.14 0.40 -9.38
C ASP B 207 -20.91 1.91 -9.22
N ALA B 208 -21.34 2.48 -8.09
CA ALA B 208 -21.09 3.89 -7.78
C ALA B 208 -19.63 4.26 -8.00
N THR B 209 -18.74 3.27 -7.86
CA THR B 209 -17.30 3.44 -8.02
C THR B 209 -16.80 3.39 -9.47
N HIS B 210 -17.71 3.18 -10.42
CA HIS B 210 -17.41 3.30 -11.83
C HIS B 210 -17.67 4.74 -12.27
N ALA B 211 -16.76 5.29 -13.07
CA ALA B 211 -16.93 6.63 -13.61
C ALA B 211 -18.16 6.64 -14.52
N PRO B 212 -18.99 7.71 -14.47
CA PRO B 212 -18.90 8.88 -13.59
C PRO B 212 -19.37 8.52 -12.17
N VAL B 213 -18.54 8.87 -11.19
CA VAL B 213 -18.73 8.40 -9.81
C VAL B 213 -19.91 9.09 -9.15
N TYR B 214 -20.64 8.36 -8.29
CA TYR B 214 -21.76 8.97 -7.59
C TYR B 214 -21.93 8.50 -6.14
N ALA B 215 -22.62 9.33 -5.36
CA ALA B 215 -22.92 9.05 -3.97
C ALA B 215 -24.16 9.86 -3.57
N SER B 216 -24.91 9.37 -2.58
CA SER B 216 -26.08 10.09 -2.09
C SER B 216 -25.62 11.32 -1.31
N LYS B 217 -26.49 12.32 -1.21
CA LYS B 217 -26.14 13.61 -0.62
C LYS B 217 -25.37 13.54 0.70
N PRO B 218 -25.85 12.74 1.69
CA PRO B 218 -25.14 12.71 2.98
C PRO B 218 -23.67 12.28 2.92
N PHE B 219 -23.26 11.62 1.84
CA PHE B 219 -21.91 11.08 1.70
C PHE B 219 -21.01 11.94 0.80
N LEU B 220 -21.61 12.96 0.19
CA LEU B 220 -20.86 13.87 -0.66
C LEU B 220 -19.94 14.78 0.15
N GLY B 221 -18.69 14.89 -0.31
CA GLY B 221 -17.69 15.74 0.34
C GLY B 221 -17.32 15.31 1.74
N THR B 222 -17.45 14.02 2.04
CA THR B 222 -17.08 13.51 3.35
C THR B 222 -15.71 12.83 3.31
N SER B 223 -15.29 12.44 2.12
CA SER B 223 -14.05 11.67 1.98
C SER B 223 -12.87 12.58 1.70
N GLN B 224 -11.69 12.14 2.12
CA GLN B 224 -10.46 12.87 1.79
C GLN B 224 -9.99 12.46 0.39
N ARG B 225 -10.65 11.45 -0.16
CA ARG B 225 -10.31 10.92 -1.48
C ARG B 225 -11.14 11.57 -2.59
N GLY B 226 -11.79 12.69 -2.28
CA GLY B 226 -12.73 13.30 -3.22
C GLY B 226 -13.90 12.38 -3.53
N ARG B 227 -14.61 12.66 -4.62
CA ARG B 227 -15.85 11.96 -4.94
C ARG B 227 -15.73 10.44 -4.99
N TYR B 228 -14.64 9.93 -5.56
CA TYR B 228 -14.48 8.46 -5.65
C TYR B 228 -14.55 7.81 -4.26
N GLY B 229 -13.96 8.50 -3.28
CA GLY B 229 -13.96 8.00 -1.91
C GLY B 229 -15.33 8.11 -1.26
N ASP B 230 -16.04 9.20 -1.59
CA ASP B 230 -17.42 9.40 -1.17
C ASP B 230 -18.23 8.14 -1.46
N ALA B 231 -18.19 7.70 -2.71
CA ALA B 231 -18.81 6.44 -3.14
C ALA B 231 -18.36 5.26 -2.29
N VAL B 232 -17.03 5.11 -2.16
CA VAL B 232 -16.42 4.02 -1.40
C VAL B 232 -16.89 4.03 0.05
N ARG B 233 -17.04 5.22 0.62
CA ARG B 233 -17.52 5.37 1.99
C ARG B 233 -18.98 4.91 2.10
N GLU B 234 -19.78 5.23 1.08
CA GLU B 234 -21.20 4.87 1.08
C GLU B 234 -21.35 3.37 0.93
N ILE B 235 -20.65 2.81 -0.06
CA ILE B 235 -20.68 1.36 -0.28
C ILE B 235 -20.30 0.61 1.00
N ASP B 236 -19.25 1.12 1.68
CA ASP B 236 -18.80 0.57 2.96
C ASP B 236 -19.87 0.64 4.06
N ASP B 237 -20.48 1.82 4.24
CA ASP B 237 -21.57 2.03 5.19
C ASP B 237 -22.73 1.08 4.89
N SER B 238 -23.03 0.96 3.59
CA SER B 238 -24.09 0.07 3.13
C SER B 238 -23.78 -1.37 3.50
N ILE B 239 -22.54 -1.78 3.25
CA ILE B 239 -22.09 -3.15 3.54
C ILE B 239 -22.16 -3.48 5.03
N GLY B 240 -21.90 -2.47 5.87
CA GLY B 240 -22.00 -2.64 7.31
C GLY B 240 -23.43 -2.96 7.73
N LYS B 241 -24.37 -2.27 7.11
CA LYS B 241 -25.79 -2.41 7.41
C LYS B 241 -26.35 -3.73 6.89
N ILE B 242 -25.82 -4.20 5.77
CA ILE B 242 -26.19 -5.49 5.21
C ILE B 242 -25.76 -6.60 6.16
N LEU B 243 -24.60 -6.40 6.77
CA LEU B 243 -24.00 -7.38 7.68
C LEU B 243 -24.71 -7.39 9.02
N GLU B 244 -25.07 -6.21 9.49
CA GLU B 244 -25.78 -6.06 10.77
C GLU B 244 -27.15 -6.73 10.70
N LEU B 245 -27.80 -6.65 9.54
CA LEU B 245 -29.11 -7.26 9.36
C LEU B 245 -29.01 -8.77 9.45
N LEU B 246 -27.93 -9.33 8.91
CA LEU B 246 -27.71 -10.77 9.02
C LEU B 246 -27.60 -11.23 10.49
N GLN B 247 -26.99 -10.37 11.31
CA GLN B 247 -26.79 -10.66 12.73
C GLN B 247 -28.06 -10.44 13.55
N ASP B 248 -28.80 -9.38 13.20
CA ASP B 248 -30.09 -9.06 13.81
C ASP B 248 -31.17 -10.09 13.48
N LEU B 249 -30.90 -10.97 12.53
CA LEU B 249 -31.84 -12.05 12.19
C LEU B 249 -31.28 -13.40 12.58
N HIS B 250 -30.08 -13.41 13.17
CA HIS B 250 -29.44 -14.65 13.64
C HIS B 250 -29.31 -15.66 12.51
N VAL B 251 -28.98 -15.14 11.34
CA VAL B 251 -28.83 -15.96 10.17
C VAL B 251 -27.39 -15.76 9.68
N ALA B 252 -26.60 -15.05 10.49
CA ALA B 252 -25.20 -14.74 10.16
C ALA B 252 -24.29 -15.96 10.17
N ASP B 253 -24.60 -16.91 11.05
CA ASP B 253 -23.81 -18.13 11.18
C ASP B 253 -24.06 -19.07 10.00
N ASN B 254 -25.24 -18.90 9.38
CA ASN B 254 -25.63 -19.65 8.19
C ASN B 254 -25.54 -18.83 6.89
N THR B 255 -24.75 -17.76 6.92
CA THR B 255 -24.57 -16.93 5.74
C THR B 255 -23.09 -16.74 5.46
N PHE B 256 -22.67 -17.13 4.26
CA PHE B 256 -21.30 -16.97 3.81
C PHE B 256 -21.27 -15.76 2.91
N VAL B 257 -20.50 -14.74 3.29
CA VAL B 257 -20.34 -13.55 2.44
C VAL B 257 -18.89 -13.37 1.96
N PHE B 258 -18.76 -12.96 0.71
CA PHE B 258 -17.44 -12.73 0.10
C PHE B 258 -17.45 -11.40 -0.62
N PHE B 259 -16.39 -10.63 -0.39
CA PHE B 259 -16.27 -9.31 -0.98
C PHE B 259 -15.12 -9.32 -2.00
N THR B 260 -15.37 -8.80 -3.20
CA THR B 260 -14.26 -8.55 -4.14
C THR B 260 -14.59 -7.50 -5.20
N SER B 261 -13.72 -7.37 -6.20
CA SER B 261 -13.85 -6.37 -7.24
C SER B 261 -13.64 -7.05 -8.57
N ASP B 262 -14.22 -6.51 -9.63
CA ASP B 262 -14.20 -7.15 -10.94
C ASP B 262 -12.91 -6.95 -11.70
N ASN B 263 -12.19 -5.87 -11.37
CA ASN B 263 -10.89 -5.56 -12.00
C ASN B 263 -10.16 -4.48 -11.20
N GLY B 264 -9.02 -4.04 -11.72
CA GLY B 264 -8.19 -3.04 -11.04
C GLY B 264 -8.80 -1.65 -11.11
N ALA B 265 -8.22 -0.74 -10.35
CA ALA B 265 -8.69 0.64 -10.31
C ALA B 265 -8.55 1.30 -11.69
N ALA B 266 -9.52 2.14 -12.03
CA ALA B 266 -9.57 2.81 -13.32
C ALA B 266 -8.70 4.07 -13.30
N LEU B 267 -7.41 3.87 -13.55
CA LEU B 267 -6.40 4.93 -13.43
C LEU B 267 -6.49 6.05 -14.47
N ILE B 268 -7.34 5.89 -15.48
CA ILE B 268 -7.61 7.03 -16.38
C ILE B 268 -8.51 8.06 -15.69
N SER B 269 -9.24 7.60 -14.66
CA SER B 269 -10.19 8.46 -13.96
C SER B 269 -9.66 9.07 -12.66
N ALA B 270 -8.51 8.59 -12.20
CA ALA B 270 -7.83 9.15 -11.03
C ALA B 270 -7.34 10.57 -11.33
N PRO B 271 -7.23 11.44 -10.30
CA PRO B 271 -7.37 11.18 -8.87
C PRO B 271 -8.76 11.35 -8.27
N GLU B 272 -9.69 11.92 -9.03
CA GLU B 272 -11.00 12.28 -8.51
C GLU B 272 -12.06 11.17 -8.65
N GLN B 273 -11.95 10.40 -9.72
CA GLN B 273 -12.99 9.46 -10.10
C GLN B 273 -12.45 8.04 -10.21
N GLY B 274 -11.24 7.81 -9.72
CA GLY B 274 -10.63 6.50 -9.82
C GLY B 274 -9.89 6.10 -8.57
N GLY B 275 -9.69 4.78 -8.42
CA GLY B 275 -9.13 4.21 -7.19
C GLY B 275 -7.63 4.12 -7.08
N SER B 276 -7.18 3.29 -6.14
CA SER B 276 -5.76 3.07 -5.88
C SER B 276 -5.41 1.59 -5.92
N ASN B 277 -4.31 1.26 -6.58
CA ASN B 277 -3.86 -0.12 -6.72
C ASN B 277 -2.70 -0.42 -5.80
N GLY B 278 -2.51 0.49 -4.85
CA GLY B 278 -1.53 0.32 -3.78
C GLY B 278 -0.13 0.18 -4.32
N PRO B 279 0.56 -0.92 -3.98
CA PRO B 279 1.96 -1.08 -4.39
C PRO B 279 2.12 -1.51 -5.84
N PHE B 280 1.02 -1.90 -6.50
CA PHE B 280 1.10 -2.54 -7.81
C PHE B 280 1.14 -1.61 -9.03
N LEU B 281 1.57 -2.19 -10.15
CA LEU B 281 1.81 -1.49 -11.40
C LEU B 281 0.55 -1.37 -12.29
N CYS B 282 0.34 -0.17 -12.81
CA CYS B 282 -0.79 0.19 -13.68
C CYS B 282 -2.15 -0.03 -13.02
N GLY B 283 -3.08 -0.59 -13.80
CA GLY B 283 -4.45 -0.74 -13.36
C GLY B 283 -5.32 -1.39 -14.42
N LYS B 284 -6.62 -1.09 -14.34
CA LYS B 284 -7.64 -1.54 -15.29
C LYS B 284 -7.12 -1.42 -16.72
N GLN B 285 -7.52 -2.39 -17.55
CA GLN B 285 -7.12 -2.50 -18.98
C GLN B 285 -5.84 -3.33 -19.23
N THR B 286 -5.01 -3.47 -18.20
CA THR B 286 -3.74 -4.20 -18.33
C THR B 286 -3.74 -5.49 -17.54
N THR B 287 -2.76 -6.34 -17.82
CA THR B 287 -2.60 -7.59 -17.12
C THR B 287 -1.45 -7.54 -16.11
N PHE B 288 -0.96 -6.32 -15.82
CA PHE B 288 -0.06 -6.11 -14.68
C PHE B 288 -0.85 -6.23 -13.38
N GLU B 289 -0.13 -6.41 -12.28
CA GLU B 289 -0.78 -6.75 -11.01
C GLU B 289 -1.91 -5.82 -10.62
N GLY B 290 -1.72 -4.52 -10.86
CA GLY B 290 -2.70 -3.48 -10.50
C GLY B 290 -3.98 -3.55 -11.31
N GLY B 291 -3.98 -4.35 -12.37
CA GLY B 291 -5.13 -4.51 -13.25
C GLY B 291 -6.01 -5.67 -12.88
N MET B 292 -5.41 -6.68 -12.26
CA MET B 292 -6.15 -7.91 -11.96
C MET B 292 -6.03 -8.48 -10.54
N ARG B 293 -5.19 -7.88 -9.70
CA ARG B 293 -5.17 -8.26 -8.28
C ARG B 293 -6.21 -7.42 -7.54
N GLU B 294 -7.00 -8.08 -6.69
CA GLU B 294 -8.17 -7.45 -6.08
C GLU B 294 -8.23 -7.72 -4.58
N PRO B 295 -8.93 -6.83 -3.83
CA PRO B 295 -9.23 -7.12 -2.43
C PRO B 295 -10.09 -8.38 -2.37
N ALA B 296 -10.07 -9.07 -1.24
CA ALA B 296 -10.85 -10.28 -1.13
C ALA B 296 -11.07 -10.70 0.31
N LEU B 297 -12.26 -10.45 0.81
CA LEU B 297 -12.60 -10.81 2.18
C LEU B 297 -13.66 -11.88 2.20
N ALA B 298 -13.53 -12.81 3.13
CA ALA B 298 -14.53 -13.86 3.33
C ALA B 298 -15.03 -13.78 4.75
N TRP B 299 -16.35 -13.85 4.90
CA TRP B 299 -16.99 -13.67 6.21
C TRP B 299 -18.05 -14.73 6.43
N TRP B 300 -17.88 -15.53 7.46
CA TRP B 300 -18.85 -16.58 7.83
C TRP B 300 -18.71 -16.97 9.29
N PRO B 301 -19.27 -16.15 10.20
CA PRO B 301 -19.18 -16.36 11.64
C PRO B 301 -19.36 -17.81 12.05
N GLY B 302 -18.42 -18.31 12.84
CA GLY B 302 -18.48 -19.68 13.36
C GLY B 302 -17.88 -20.76 12.46
N HIS B 303 -17.59 -20.38 11.22
CA HIS B 303 -17.10 -21.33 10.24
C HIS B 303 -15.74 -20.89 9.75
N VAL B 304 -15.65 -19.65 9.28
CA VAL B 304 -14.38 -19.07 8.89
C VAL B 304 -13.78 -18.36 10.11
N THR B 305 -12.61 -18.81 10.54
CA THR B 305 -11.95 -18.28 11.74
C THR B 305 -11.67 -16.78 11.58
N ALA B 306 -11.97 -16.01 12.62
CA ALA B 306 -11.88 -14.55 12.55
C ALA B 306 -10.45 -14.01 12.48
N GLY B 307 -10.28 -12.99 11.64
CA GLY B 307 -9.04 -12.21 11.56
C GLY B 307 -7.80 -12.97 11.13
N GLN B 308 -7.95 -13.81 10.11
CA GLN B 308 -6.83 -14.60 9.60
C GLN B 308 -6.35 -14.08 8.26
N VAL B 309 -5.18 -14.55 7.82
CA VAL B 309 -4.71 -14.22 6.47
C VAL B 309 -4.32 -15.50 5.72
N SER B 310 -4.76 -15.60 4.47
CA SER B 310 -4.36 -16.71 3.61
C SER B 310 -3.70 -16.23 2.30
N HIS B 311 -2.52 -16.79 1.99
CA HIS B 311 -1.79 -16.45 0.77
C HIS B 311 -2.11 -17.41 -0.37
N GLN B 312 -3.23 -18.13 -0.23
CA GLN B 312 -3.79 -18.95 -1.31
C GLN B 312 -3.95 -18.10 -2.56
N LEU B 313 -3.41 -18.56 -3.69
CA LEU B 313 -3.68 -17.87 -4.93
C LEU B 313 -5.15 -18.10 -5.29
N GLY B 314 -5.92 -17.02 -5.27
CA GLY B 314 -7.37 -17.09 -5.48
C GLY B 314 -7.83 -16.41 -6.74
N SER B 315 -8.90 -16.94 -7.32
CA SER B 315 -9.54 -16.35 -8.49
C SER B 315 -11.02 -16.07 -8.26
N ILE B 316 -11.50 -14.95 -8.81
CA ILE B 316 -12.92 -14.62 -8.83
C ILE B 316 -13.77 -15.82 -9.29
N MET B 317 -13.18 -16.66 -10.15
CA MET B 317 -13.86 -17.82 -10.70
C MET B 317 -14.08 -18.87 -9.63
N ASP B 318 -13.29 -18.80 -8.57
CA ASP B 318 -13.39 -19.77 -7.47
C ASP B 318 -14.71 -19.68 -6.72
N LEU B 319 -15.32 -18.50 -6.74
CA LEU B 319 -16.60 -18.28 -6.07
C LEU B 319 -17.74 -19.03 -6.73
N PHE B 320 -17.52 -19.49 -7.96
CA PHE B 320 -18.50 -20.30 -8.66
C PHE B 320 -18.53 -21.69 -8.07
N THR B 321 -17.35 -22.29 -7.93
CA THR B 321 -17.16 -23.66 -7.47
C THR B 321 -17.38 -23.77 -5.97
N THR B 322 -16.92 -22.75 -5.24
CA THR B 322 -17.06 -22.72 -3.80
C THR B 322 -18.54 -22.68 -3.41
N SER B 323 -19.27 -21.73 -3.99
CA SER B 323 -20.68 -21.54 -3.70
C SER B 323 -21.44 -22.81 -4.01
N LEU B 324 -21.00 -23.53 -5.03
CA LEU B 324 -21.60 -24.81 -5.35
C LEU B 324 -21.31 -25.84 -4.26
N ALA B 325 -20.07 -25.87 -3.81
CA ALA B 325 -19.62 -26.76 -2.74
C ALA B 325 -20.31 -26.43 -1.40
N LEU B 326 -20.55 -25.13 -1.17
CA LEU B 326 -21.29 -24.68 0.00
C LEU B 326 -22.70 -25.27 0.02
N ALA B 327 -23.30 -25.33 -1.17
CA ALA B 327 -24.65 -25.84 -1.34
C ALA B 327 -24.69 -27.35 -1.52
N GLY B 328 -23.54 -28.00 -1.41
CA GLY B 328 -23.46 -29.46 -1.50
C GLY B 328 -23.60 -30.00 -2.91
N LEU B 329 -23.28 -29.17 -3.89
CA LEU B 329 -23.37 -29.54 -5.30
C LEU B 329 -21.99 -29.72 -5.91
N THR B 330 -21.98 -30.20 -7.14
CA THR B 330 -20.75 -30.37 -7.91
C THR B 330 -20.76 -29.47 -9.16
N PRO B 331 -19.58 -28.98 -9.58
CA PRO B 331 -19.55 -28.24 -10.85
C PRO B 331 -19.90 -29.13 -12.03
N PRO B 332 -20.22 -28.53 -13.20
CA PRO B 332 -20.47 -29.28 -14.43
C PRO B 332 -19.30 -30.20 -14.80
N SER B 333 -19.61 -31.47 -15.08
CA SER B 333 -18.59 -32.45 -15.41
C SER B 333 -18.41 -32.63 -16.91
N ASP B 334 -19.15 -31.85 -17.70
CA ASP B 334 -19.08 -31.96 -19.14
C ASP B 334 -18.24 -30.87 -19.78
N ARG B 335 -17.55 -30.09 -18.96
CA ARG B 335 -16.78 -28.94 -19.43
C ARG B 335 -15.65 -28.59 -18.48
N ALA B 336 -14.67 -27.85 -19.01
CA ALA B 336 -13.58 -27.32 -18.19
C ALA B 336 -14.11 -26.29 -17.19
N ILE B 337 -13.65 -26.42 -15.94
CA ILE B 337 -14.03 -25.50 -14.87
C ILE B 337 -12.78 -24.91 -14.20
N ASP B 338 -12.59 -23.61 -14.35
CA ASP B 338 -11.38 -22.97 -13.84
C ASP B 338 -11.46 -22.69 -12.35
N GLY B 339 -12.65 -22.32 -11.88
CA GLY B 339 -12.90 -22.08 -10.46
C GLY B 339 -12.58 -23.29 -9.63
N LEU B 340 -11.83 -23.07 -8.55
CA LEU B 340 -11.51 -24.14 -7.60
C LEU B 340 -12.33 -24.04 -6.33
N ASN B 341 -12.61 -25.17 -5.71
CA ASN B 341 -13.25 -25.18 -4.41
C ASN B 341 -12.29 -24.70 -3.31
N LEU B 342 -12.59 -23.54 -2.73
CA LEU B 342 -11.73 -22.98 -1.69
C LEU B 342 -12.19 -23.27 -0.27
N LEU B 343 -13.12 -24.20 -0.08
CA LEU B 343 -13.54 -24.54 1.28
C LEU B 343 -12.38 -25.03 2.14
N PRO B 344 -11.46 -25.86 1.59
CA PRO B 344 -10.29 -26.24 2.39
C PRO B 344 -9.43 -25.06 2.85
N THR B 345 -9.37 -24.01 2.03
CA THR B 345 -8.65 -22.79 2.42
C THR B 345 -9.47 -22.00 3.46
N LEU B 346 -10.75 -21.81 3.15
CA LEU B 346 -11.68 -21.07 4.00
C LEU B 346 -11.94 -21.69 5.38
N LEU B 347 -11.96 -23.02 5.47
CA LEU B 347 -12.38 -23.67 6.71
C LEU B 347 -11.31 -24.49 7.42
N GLN B 348 -10.18 -24.71 6.75
CA GLN B 348 -9.15 -25.59 7.27
C GLN B 348 -7.77 -24.96 7.14
N GLY B 349 -7.70 -23.86 6.40
CA GLY B 349 -6.46 -23.11 6.23
C GLY B 349 -5.42 -23.85 5.40
N ARG B 350 -5.87 -24.72 4.49
CA ARG B 350 -4.95 -25.43 3.60
C ARG B 350 -4.53 -24.53 2.44
N LEU B 351 -3.47 -24.93 1.76
CA LEU B 351 -3.02 -24.24 0.54
C LEU B 351 -3.09 -25.16 -0.69
N MET B 352 -3.15 -24.54 -1.85
CA MET B 352 -3.26 -25.25 -3.12
C MET B 352 -2.39 -24.57 -4.13
N ASP B 353 -1.69 -25.36 -4.93
CA ASP B 353 -0.70 -24.83 -5.83
C ASP B 353 -1.28 -24.68 -7.24
N ARG B 354 -2.11 -23.65 -7.41
CA ARG B 354 -2.80 -23.44 -8.68
C ARG B 354 -2.20 -22.29 -9.49
N PRO B 355 -2.43 -22.27 -10.82
CA PRO B 355 -1.93 -21.16 -11.64
C PRO B 355 -2.92 -20.01 -11.78
N ILE B 356 -2.41 -18.80 -11.98
CA ILE B 356 -3.26 -17.66 -12.34
C ILE B 356 -2.90 -17.21 -13.76
N PHE B 357 -3.86 -17.39 -14.67
CA PHE B 357 -3.70 -16.96 -16.05
C PHE B 357 -4.24 -15.55 -16.23
N TYR B 358 -3.43 -14.69 -16.86
CA TYR B 358 -3.80 -13.32 -17.12
C TYR B 358 -4.01 -13.19 -18.61
N TYR B 359 -5.29 -13.14 -19.00
CA TYR B 359 -5.71 -12.99 -20.39
C TYR B 359 -6.11 -11.55 -20.71
N ARG B 360 -5.70 -11.08 -21.88
CA ARG B 360 -6.19 -9.85 -22.48
C ARG B 360 -6.66 -10.21 -23.88
N GLY B 361 -7.97 -10.09 -24.11
CA GLY B 361 -8.58 -10.55 -25.33
C GLY B 361 -8.26 -12.00 -25.60
N ASP B 362 -7.79 -12.27 -26.81
CA ASP B 362 -7.51 -13.63 -27.27
C ASP B 362 -6.14 -14.13 -26.84
N THR B 363 -5.48 -13.39 -25.94
CA THR B 363 -4.08 -13.67 -25.64
C THR B 363 -3.87 -13.91 -24.16
N LEU B 364 -3.25 -15.05 -23.86
CA LEU B 364 -2.68 -15.31 -22.55
C LEU B 364 -1.43 -14.45 -22.46
N MET B 365 -1.52 -13.41 -21.65
CA MET B 365 -0.45 -12.43 -21.52
C MET B 365 0.62 -12.88 -20.51
N ALA B 366 0.17 -13.48 -19.40
CA ALA B 366 0.99 -13.72 -18.22
C ALA B 366 0.45 -14.83 -17.33
N ALA B 367 1.34 -15.45 -16.56
CA ALA B 367 0.98 -16.56 -15.68
C ALA B 367 1.78 -16.58 -14.37
N THR B 368 1.10 -16.88 -13.28
CA THR B 368 1.68 -16.85 -11.94
C THR B 368 1.53 -18.20 -11.25
N LEU B 369 2.66 -18.75 -10.82
CA LEU B 369 2.73 -19.91 -9.95
C LEU B 369 3.61 -19.53 -8.78
N GLY B 370 3.12 -19.75 -7.56
CA GLY B 370 3.89 -19.43 -6.36
C GLY B 370 4.18 -17.95 -6.26
N GLN B 371 5.46 -17.59 -6.34
CA GLN B 371 5.88 -16.19 -6.20
C GLN B 371 6.33 -15.58 -7.52
N HIS B 372 6.23 -16.37 -8.59
CA HIS B 372 6.73 -15.94 -9.87
C HIS B 372 5.63 -15.67 -10.88
N LYS B 373 5.80 -14.57 -11.61
CA LYS B 373 4.90 -14.23 -12.68
C LYS B 373 5.71 -14.10 -13.97
N ALA B 374 5.27 -14.82 -14.99
CA ALA B 374 5.91 -14.74 -16.30
C ALA B 374 5.02 -13.98 -17.27
N HIS B 375 5.59 -12.93 -17.87
CA HIS B 375 4.93 -12.17 -18.93
C HIS B 375 5.36 -12.67 -20.30
N PHE B 376 4.43 -13.29 -21.01
CA PHE B 376 4.66 -13.79 -22.37
C PHE B 376 4.39 -12.69 -23.38
N TRP B 377 3.51 -11.77 -23.01
CA TRP B 377 3.22 -10.59 -23.82
C TRP B 377 3.12 -9.40 -22.88
N THR B 378 3.60 -8.24 -23.32
CA THR B 378 3.39 -6.99 -22.56
C THR B 378 2.76 -5.91 -23.43
N TRP B 379 1.94 -5.08 -22.80
CA TRP B 379 1.26 -3.97 -23.48
C TRP B 379 0.44 -3.14 -22.49
N THR B 380 0.61 -1.83 -22.54
CA THR B 380 -0.28 -0.91 -21.82
C THR B 380 -1.40 -0.45 -22.75
N ASN B 381 -1.12 0.56 -23.59
CA ASN B 381 -1.98 0.93 -24.71
C ASN B 381 -1.14 1.44 -25.87
N SER B 382 -1.72 1.52 -27.05
CA SER B 382 -0.96 1.93 -28.24
C SER B 382 -0.45 3.37 -28.12
N TRP B 383 0.58 3.68 -28.90
CA TRP B 383 1.18 5.00 -28.89
C TRP B 383 0.19 6.10 -29.25
N GLU B 384 -0.70 5.83 -30.19
CA GLU B 384 -1.72 6.78 -30.62
C GLU B 384 -2.66 7.18 -29.48
N ASN B 385 -3.07 6.18 -28.71
CA ASN B 385 -3.93 6.41 -27.56
C ASN B 385 -3.21 7.13 -26.42
N PHE B 386 -1.95 6.78 -26.21
CA PHE B 386 -1.14 7.46 -25.20
C PHE B 386 -0.95 8.94 -25.50
N ARG B 387 -0.72 9.28 -26.76
CA ARG B 387 -0.51 10.66 -27.18
C ARG B 387 -1.78 11.51 -27.06
N GLN B 388 -2.95 10.86 -27.09
CA GLN B 388 -4.23 11.53 -26.91
C GLN B 388 -4.59 11.75 -25.44
N GLY B 389 -3.65 11.46 -24.53
CA GLY B 389 -3.83 11.73 -23.11
C GLY B 389 -4.31 10.57 -22.27
N ILE B 390 -4.51 9.42 -22.90
CA ILE B 390 -4.93 8.22 -22.18
C ILE B 390 -3.69 7.47 -21.64
N ASP B 391 -3.53 7.52 -20.32
CA ASP B 391 -2.44 6.83 -19.64
C ASP B 391 -2.99 5.84 -18.61
N PHE B 392 -2.73 4.57 -18.86
CA PHE B 392 -3.18 3.49 -17.96
C PHE B 392 -2.26 3.36 -16.75
N CYS B 393 -1.04 3.91 -16.85
CA CYS B 393 -0.05 3.78 -15.78
C CYS B 393 0.53 5.12 -15.32
N PRO B 394 -0.34 6.06 -14.91
CA PRO B 394 0.14 7.41 -14.61
C PRO B 394 1.23 7.43 -13.54
N GLY B 395 2.32 8.14 -13.83
CA GLY B 395 3.46 8.25 -12.91
C GLY B 395 4.38 7.04 -12.91
N GLN B 396 4.05 6.05 -13.75
CA GLN B 396 4.74 4.78 -13.76
C GLN B 396 5.37 4.49 -15.12
N ASN B 397 6.63 4.04 -15.10
CA ASN B 397 7.35 3.62 -16.30
C ASN B 397 8.45 2.67 -15.89
N VAL B 398 8.31 1.40 -16.28
CA VAL B 398 9.34 0.38 -16.06
C VAL B 398 9.97 0.02 -17.41
N SER B 399 11.27 0.28 -17.55
CA SER B 399 12.00 0.05 -18.81
C SER B 399 11.77 -1.31 -19.45
N GLY B 400 11.25 -1.30 -20.67
CA GLY B 400 11.04 -2.52 -21.45
C GLY B 400 9.98 -3.44 -20.89
N VAL B 401 9.20 -2.94 -19.92
CA VAL B 401 8.10 -3.69 -19.33
C VAL B 401 6.79 -2.98 -19.66
N THR B 402 6.70 -1.70 -19.29
CA THR B 402 5.51 -0.91 -19.58
C THR B 402 5.67 -0.26 -20.94
N THR B 403 5.27 -0.99 -21.97
CA THR B 403 5.53 -0.61 -23.37
C THR B 403 4.23 -0.29 -24.12
N HIS B 404 4.32 0.59 -25.11
CA HIS B 404 3.14 1.01 -25.87
C HIS B 404 2.91 0.17 -27.13
N ASN B 405 3.85 -0.74 -27.40
CA ASN B 405 3.66 -1.80 -28.39
C ASN B 405 3.31 -3.12 -27.71
N LEU B 406 2.48 -3.93 -28.38
CA LEU B 406 2.22 -5.29 -27.93
C LEU B 406 3.48 -6.11 -28.16
N GLU B 407 4.26 -6.29 -27.08
CA GLU B 407 5.57 -6.91 -27.15
C GLU B 407 5.50 -8.44 -26.99
N ASP B 408 6.17 -9.15 -27.89
CA ASP B 408 6.21 -10.61 -27.92
C ASP B 408 7.37 -11.16 -27.08
N HIS B 409 7.03 -11.69 -25.90
CA HIS B 409 8.02 -12.31 -25.03
C HIS B 409 7.84 -13.82 -24.92
N THR B 410 7.10 -14.41 -25.85
CA THR B 410 6.80 -15.85 -25.78
C THR B 410 8.05 -16.73 -25.73
N LYS B 411 9.11 -16.33 -26.44
CA LYS B 411 10.36 -17.11 -26.46
C LYS B 411 11.18 -16.93 -25.19
N LEU B 412 11.16 -15.71 -24.64
CA LEU B 412 11.97 -15.38 -23.47
C LEU B 412 11.17 -14.48 -22.54
N PRO B 413 10.28 -15.09 -21.71
CA PRO B 413 9.34 -14.36 -20.87
C PRO B 413 10.00 -13.44 -19.85
N LEU B 414 9.32 -12.33 -19.57
CA LEU B 414 9.72 -11.43 -18.50
C LEU B 414 9.16 -11.98 -17.19
N ILE B 415 10.06 -12.42 -16.31
CA ILE B 415 9.66 -13.08 -15.06
C ILE B 415 9.93 -12.18 -13.86
N PHE B 416 8.95 -12.13 -12.94
CA PHE B 416 9.10 -11.37 -11.70
C PHE B 416 8.94 -12.27 -10.48
N HIS B 417 9.61 -11.90 -9.38
CA HIS B 417 9.34 -12.50 -8.08
C HIS B 417 8.45 -11.55 -7.26
N LEU B 418 7.13 -11.78 -7.34
CA LEU B 418 6.11 -10.91 -6.73
C LEU B 418 6.28 -10.63 -5.23
N GLY B 419 6.87 -11.60 -4.52
CA GLY B 419 7.13 -11.45 -3.11
C GLY B 419 8.16 -10.36 -2.86
N ARG B 420 9.21 -10.39 -3.67
CA ARG B 420 10.30 -9.44 -3.53
C ARG B 420 10.01 -8.15 -4.27
N ASP B 421 9.24 -8.26 -5.35
CA ASP B 421 9.07 -7.16 -6.28
C ASP B 421 7.59 -7.03 -6.67
N PRO B 422 6.74 -6.66 -5.70
CA PRO B 422 5.31 -6.65 -6.04
C PRO B 422 4.97 -5.70 -7.20
N GLY B 423 5.73 -4.62 -7.34
CA GLY B 423 5.42 -3.60 -8.35
C GLY B 423 5.99 -3.87 -9.71
N GLU B 424 6.41 -5.13 -9.92
CA GLU B 424 6.93 -5.60 -11.20
C GLU B 424 7.98 -4.65 -11.80
N ARG B 425 8.99 -4.31 -11.02
CA ARG B 425 10.00 -3.31 -11.41
C ARG B 425 11.30 -3.93 -11.90
N PHE B 426 11.61 -5.11 -11.41
CA PHE B 426 12.90 -5.74 -11.70
C PHE B 426 12.75 -7.15 -12.27
N PRO B 427 12.80 -7.29 -13.60
CA PRO B 427 12.80 -8.60 -14.25
C PRO B 427 14.01 -9.43 -13.85
N LEU B 428 13.79 -10.72 -13.59
CA LEU B 428 14.87 -11.64 -13.26
C LEU B 428 15.81 -11.78 -14.45
N SER B 429 17.11 -11.92 -14.19
CA SER B 429 18.06 -12.09 -15.26
C SER B 429 17.81 -13.42 -15.96
N PHE B 430 18.02 -13.46 -17.27
CA PHE B 430 17.68 -14.64 -18.08
C PHE B 430 18.64 -15.80 -17.82
N ALA B 431 19.81 -15.50 -17.29
CA ALA B 431 20.84 -16.52 -17.05
C ALA B 431 20.75 -17.16 -15.65
N SER B 432 19.93 -16.59 -14.79
CA SER B 432 19.82 -17.06 -13.40
C SER B 432 19.13 -18.40 -13.28
N ALA B 433 19.42 -19.11 -12.20
CA ALA B 433 18.83 -20.42 -11.97
C ALA B 433 17.37 -20.26 -11.58
N GLU B 434 17.06 -19.20 -10.85
CA GLU B 434 15.70 -18.88 -10.43
C GLU B 434 14.77 -18.63 -11.63
N TYR B 435 15.31 -17.96 -12.64
CA TYR B 435 14.60 -17.76 -13.90
C TYR B 435 14.26 -19.10 -14.56
N GLN B 436 15.29 -19.93 -14.70
CA GLN B 436 15.16 -21.23 -15.36
C GLN B 436 14.14 -22.12 -14.66
N GLU B 437 14.23 -22.19 -13.33
CA GLU B 437 13.32 -23.01 -12.51
C GLU B 437 11.88 -22.60 -12.69
N ALA B 438 11.62 -21.29 -12.61
CA ALA B 438 10.30 -20.72 -12.85
C ALA B 438 9.80 -20.96 -14.28
N LEU B 439 10.61 -20.58 -15.26
CA LEU B 439 10.23 -20.71 -16.67
C LEU B 439 9.70 -22.11 -16.99
N SER B 440 10.42 -23.13 -16.57
CA SER B 440 10.00 -24.53 -16.77
C SER B 440 8.68 -24.81 -16.04
N ARG B 441 8.63 -24.42 -14.77
CA ARG B 441 7.45 -24.66 -13.95
C ARG B 441 6.23 -24.01 -14.59
N ILE B 442 6.35 -22.74 -14.97
CA ILE B 442 5.26 -21.96 -15.52
C ILE B 442 4.87 -22.39 -16.95
N THR B 443 5.85 -22.62 -17.82
CA THR B 443 5.53 -23.05 -19.19
C THR B 443 4.82 -24.41 -19.19
N SER B 444 5.24 -25.28 -18.28
CA SER B 444 4.60 -26.59 -18.11
C SER B 444 3.07 -26.45 -17.93
N VAL B 445 2.65 -25.61 -16.99
CA VAL B 445 1.21 -25.39 -16.73
C VAL B 445 0.49 -24.69 -17.87
N VAL B 446 1.19 -23.76 -18.51
CA VAL B 446 0.65 -23.00 -19.64
C VAL B 446 0.37 -23.85 -20.87
N GLN B 447 1.36 -24.67 -21.27
CA GLN B 447 1.18 -25.60 -22.38
C GLN B 447 0.02 -26.56 -22.12
N GLN B 448 0.02 -27.14 -20.92
CA GLN B 448 -1.01 -28.07 -20.45
C GLN B 448 -2.39 -27.48 -20.62
N HIS B 449 -2.55 -26.28 -20.07
CA HIS B 449 -3.76 -25.46 -20.20
C HIS B 449 -4.13 -25.26 -21.67
N GLN B 450 -3.16 -24.81 -22.47
CA GLN B 450 -3.39 -24.47 -23.88
C GLN B 450 -3.72 -25.66 -24.79
N GLU B 451 -3.10 -26.81 -24.54
CA GLU B 451 -3.36 -28.02 -25.32
C GLU B 451 -4.72 -28.64 -25.01
N ALA B 452 -5.21 -28.41 -23.79
CA ALA B 452 -6.53 -28.87 -23.37
C ALA B 452 -7.60 -27.83 -23.70
N LEU B 453 -7.17 -26.67 -24.19
CA LEU B 453 -8.07 -25.55 -24.45
C LEU B 453 -8.59 -25.51 -25.89
N VAL B 454 -9.92 -25.52 -26.00
CA VAL B 454 -10.60 -25.21 -27.25
C VAL B 454 -11.39 -23.91 -27.02
N PRO B 455 -10.85 -22.78 -27.52
CA PRO B 455 -11.51 -21.49 -27.30
C PRO B 455 -12.95 -21.52 -27.79
N ALA B 456 -13.82 -20.81 -27.06
CA ALA B 456 -15.20 -20.66 -27.49
C ALA B 456 -15.24 -19.69 -28.66
N GLN B 457 -16.35 -19.71 -29.40
CA GLN B 457 -16.58 -18.68 -30.42
C GLN B 457 -16.83 -17.35 -29.72
N PRO B 458 -16.15 -16.28 -30.17
CA PRO B 458 -16.18 -14.96 -29.53
C PRO B 458 -17.52 -14.23 -29.67
N GLN B 459 -18.04 -13.71 -28.56
CA GLN B 459 -19.33 -13.02 -28.52
C GLN B 459 -19.21 -11.52 -28.78
N LEU B 460 -18.00 -10.99 -28.60
CA LEU B 460 -17.77 -9.55 -28.59
C LEU B 460 -17.12 -9.04 -29.87
N ASN B 461 -17.56 -9.58 -31.02
CA ASN B 461 -16.97 -9.22 -32.30
C ASN B 461 -17.84 -8.29 -33.12
N VAL B 462 -19.15 -8.44 -32.96
CA VAL B 462 -20.12 -7.76 -33.79
C VAL B 462 -20.90 -6.73 -32.98
N CYS B 463 -21.09 -5.54 -33.57
CA CYS B 463 -21.91 -4.48 -32.99
C CYS B 463 -22.95 -4.02 -34.01
N ASN B 464 -24.02 -3.42 -33.52
CA ASN B 464 -25.12 -3.00 -34.36
C ASN B 464 -25.90 -1.88 -33.67
N TRP B 465 -25.79 -0.67 -34.22
CA TRP B 465 -26.48 0.49 -33.66
C TRP B 465 -27.93 0.17 -33.26
N ALA B 466 -28.60 -0.64 -34.09
CA ALA B 466 -30.03 -0.93 -33.94
C ALA B 466 -30.44 -1.76 -32.71
N VAL B 467 -29.47 -2.38 -32.04
CA VAL B 467 -29.78 -3.24 -30.88
C VAL B 467 -29.65 -2.53 -29.53
N MET B 468 -29.26 -1.26 -29.56
CA MET B 468 -29.20 -0.44 -28.36
C MET B 468 -30.57 -0.39 -27.69
N ASN B 469 -30.61 -0.03 -26.42
CA ASN B 469 -31.84 -0.05 -25.61
C ASN B 469 -32.89 1.00 -26.01
N TRP B 470 -33.29 0.97 -27.29
CA TRP B 470 -34.30 1.89 -27.80
C TRP B 470 -35.66 1.63 -27.15
N ALA B 471 -36.11 0.39 -27.23
CA ALA B 471 -37.42 0.00 -26.70
C ALA B 471 -37.37 -1.24 -25.80
N PRO B 472 -36.86 -1.10 -24.57
CA PRO B 472 -36.84 -2.21 -23.61
C PRO B 472 -38.24 -2.69 -23.24
N PRO B 473 -38.37 -3.95 -22.78
CA PRO B 473 -39.68 -4.43 -22.33
C PRO B 473 -40.22 -3.57 -21.21
N GLY B 474 -41.46 -3.13 -21.35
CA GLY B 474 -42.10 -2.28 -20.37
C GLY B 474 -42.16 -0.81 -20.76
N CYS B 475 -41.45 -0.44 -21.83
CA CYS B 475 -41.41 0.96 -22.27
C CYS B 475 -42.78 1.44 -22.73
N GLU B 476 -43.56 0.56 -23.35
CA GLU B 476 -44.85 0.92 -23.93
C GLU B 476 -45.80 1.51 -22.89
N LYS B 477 -45.91 0.86 -21.73
CA LYS B 477 -46.78 1.32 -20.63
C LYS B 477 -46.29 2.62 -19.98
N LEU B 478 -44.98 2.85 -20.03
CA LEU B 478 -44.38 4.08 -19.53
C LEU B 478 -44.33 5.15 -20.62
N GLY B 479 -44.54 4.74 -21.86
CA GLY B 479 -44.51 5.65 -23.02
C GLY B 479 -43.11 6.14 -23.34
N LYS B 480 -42.14 5.26 -23.17
CA LYS B 480 -40.71 5.62 -23.22
C LYS B 480 -39.93 4.94 -24.34
N CYS B 481 -40.63 4.20 -25.19
CA CYS B 481 -40.00 3.56 -26.35
C CYS B 481 -39.53 4.62 -27.33
N LEU B 482 -38.38 4.37 -27.95
CA LEU B 482 -37.82 5.30 -28.93
C LEU B 482 -37.73 4.61 -30.28
N THR B 483 -37.72 5.39 -31.36
CA THR B 483 -37.55 4.80 -32.69
C THR B 483 -36.06 4.60 -32.99
N PRO B 484 -35.67 3.37 -33.34
CA PRO B 484 -34.28 3.02 -33.59
C PRO B 484 -33.81 3.49 -34.97
N PRO B 485 -32.48 3.64 -35.16
CA PRO B 485 -32.00 4.01 -36.48
C PRO B 485 -31.92 2.80 -37.39
N GLU B 486 -31.73 3.06 -38.68
CA GLU B 486 -31.57 1.99 -39.66
C GLU B 486 -30.10 1.66 -39.75
N SER B 487 -29.74 0.43 -39.41
CA SER B 487 -28.33 0.01 -39.42
C SER B 487 -28.13 -1.49 -39.71
N ILE B 488 -26.90 -1.84 -40.07
CA ILE B 488 -26.51 -3.23 -40.25
C ILE B 488 -25.50 -3.64 -39.19
N PRO B 489 -25.41 -4.95 -38.90
CA PRO B 489 -24.31 -5.42 -38.05
C PRO B 489 -22.98 -5.22 -38.75
N LYS B 490 -21.99 -4.79 -37.97
CA LYS B 490 -20.62 -4.60 -38.44
C LYS B 490 -19.61 -4.96 -37.35
N LYS B 491 -18.33 -4.99 -37.71
CA LYS B 491 -17.27 -5.28 -36.75
C LYS B 491 -17.13 -4.13 -35.76
N CYS B 492 -17.10 -4.44 -34.47
CA CYS B 492 -16.89 -3.42 -33.43
C CYS B 492 -15.49 -2.83 -33.50
N LEU B 493 -15.39 -1.51 -33.36
CA LEU B 493 -14.10 -0.82 -33.31
C LEU B 493 -13.63 -0.70 -31.85
N TRP B 494 -12.68 -1.55 -31.47
CA TRP B 494 -12.26 -1.64 -30.07
C TRP B 494 -11.07 -0.74 -29.72
#